data_6GV4
#
_entry.id   6GV4
#
loop_
_entity.id
_entity.type
_entity.pdbx_description
1 polymer "RNA (5'-R(*UP*GP*GP*UP*AP*UP*UP*U)-3')"
2 polymer VP0
3 polymer VP1
4 polymer VP3
5 polymer 'AT12-015 antibody variable heavy'
6 polymer 'AT12-015 antibody variable light'
#
loop_
_entity_poly.entity_id
_entity_poly.type
_entity_poly.pdbx_seq_one_letter_code
_entity_poly.pdbx_strand_id
1 'polyribonucleotide' UGGUAUUU D
2 'polypeptide(L)'
;MESIKDLVNVATGAMDTLSLSNVETEVNNIISGNEVGGEIITKVADDASNLLGPNSFATTAQPENKDVVQATTTVNTTNL
TQHPSAPTIPFTPDFKNVDNFHSMAYDITTGDKNPSKLIRLDTASWQTSYSRQYEITTVELPKSFWDDTRKPAYGQAKYF
AAVRCGFHFQVQVNVNQGTAGSALVVYEPKPVIDSRQYLEFGSLTNLPHVLMNLAETTQADLCIPYVADTNYVKTDSSDL
GQLRVYVWTPLSVPTGASNEVDVTVMGSLLQLDFQNPRPYGEDVEIYDN
;
A
3 'polypeptide(L)'
;NSWGSQMDLTDPLCIEDNMENCKQSISPNELGLTSAQDDGPLGNEKPNYFLNFRTMNVDIFTVSHTKVDNIFGRAWYVTS
HDFNNGDTWRQKLTFPKEGHGMLSQFFAYFTGEINIHILYMAKQGFLRVAHTYDTEDNRKTFLSSNGVITIPAGEQMTLS
VPFYSNKPLRTVRHDSALGFLMCRPSMHGTTRTTVEVYVSLRCPNFFFPVPAPKPTGSRATALSDESPY
;
B
4 'polypeptide(L)'
;GPNKANVSKFNKRKFLTASTKYKWTRTKVDIAEGPGTMNMANVLSTTGAQSVALVGERAFYDPRTAGSKSRFDDMIKIAQ
LFSVMSDNTTPSSSSGIDKYGYFDWAATVAPQNMVHRNVVTLDQFPNLNLFMNTYSYFRGSLIIRLSIYASTFNRGRLRM
GFFPNCTHDTQLELDNAIYTICDIGSDNSFELTIPYSFSTWMRKTHGHQLGLFQVEVLNRLTYNSSSPNKVHCIVQGRLG
DDAKFFCPTGSLVSFQ
;
C
5 'polypeptide(L)'
;EVQLLESGGGLVQPGGSLRLSCAASGFTFSSYAMSWVRQAPGKGLEWVSAISGGGDSRYYADSVKGRFTISRDNSKNTLY
LQMNSLGAEDTALYYCAKRLGRVAEYYFDYWGQGTLVTVSP
;
H
6 'polypeptide(L)'
;DIQMTQSPSTLSASVGDRVTITCRTSQSISNWLAWYQQKPGKAPKLLIYQASTLENGVPSRFTGSGSGTEFSLTISSLQP
DDFATYYCQQYNNYMALTFGGGTKVEIKRTVAA
;
L
#
# COMPACT_ATOMS: atom_id res chain seq x y z
N ASN B 34 23.45 67.03 -13.38
CA ASN B 34 22.95 68.14 -12.51
C ASN B 34 21.50 68.35 -12.78
N GLU B 35 20.69 68.48 -11.70
CA GLU B 35 19.27 68.69 -11.78
C GLU B 35 18.97 70.14 -11.49
N VAL B 36 20.03 70.93 -11.22
CA VAL B 36 19.97 72.33 -10.90
C VAL B 36 20.64 73.05 -12.02
N GLY B 37 21.20 72.32 -13.01
CA GLY B 37 21.89 72.89 -14.14
C GLY B 37 20.99 73.73 -14.99
N GLY B 38 19.81 73.20 -15.35
CA GLY B 38 18.80 73.89 -16.10
C GLY B 38 18.30 75.11 -15.40
N GLU B 39 17.97 74.96 -14.10
CA GLU B 39 17.50 76.04 -13.28
C GLU B 39 18.52 77.09 -12.90
N ILE B 40 19.75 77.09 -13.45
CA ILE B 40 20.68 78.17 -13.22
C ILE B 40 20.73 79.00 -14.46
N ILE B 41 20.50 78.38 -15.63
CA ILE B 41 20.40 79.05 -16.90
C ILE B 41 19.15 79.87 -16.95
N THR B 42 18.03 79.31 -16.43
CA THR B 42 16.76 79.95 -16.34
C THR B 42 16.77 81.16 -15.45
N LYS B 43 17.41 81.08 -14.26
CA LYS B 43 17.54 82.20 -13.36
C LYS B 43 18.33 83.34 -13.93
N VAL B 44 19.42 83.03 -14.64
CA VAL B 44 20.29 83.97 -15.30
C VAL B 44 19.56 84.69 -16.39
N ALA B 45 18.69 83.98 -17.13
CA ALA B 45 17.94 84.51 -18.23
C ALA B 45 16.75 85.31 -17.78
N ASP B 46 16.31 85.16 -16.52
CA ASP B 46 15.21 85.90 -15.96
C ASP B 46 15.76 87.09 -15.22
N ASP B 47 17.09 87.19 -15.09
CA ASP B 47 17.74 88.33 -14.48
C ASP B 47 18.26 89.21 -15.58
N ALA B 48 18.15 88.75 -16.84
CA ALA B 48 18.62 89.48 -17.98
C ALA B 48 17.43 89.88 -18.80
N SER B 49 16.22 89.37 -18.46
CA SER B 49 14.98 89.62 -19.16
C SER B 49 14.59 91.07 -19.12
N ASN B 50 13.93 91.53 -20.21
CA ASN B 50 13.52 92.89 -20.40
C ASN B 50 12.02 92.85 -20.37
N LEU B 51 11.35 93.49 -21.33
CA LEU B 51 9.91 93.52 -21.43
C LEU B 51 9.45 92.47 -22.39
N LEU B 52 10.41 91.76 -23.03
CA LEU B 52 10.14 90.76 -24.02
C LEU B 52 10.35 89.41 -23.40
N GLY B 53 10.58 89.36 -22.07
CA GLY B 53 10.78 88.16 -21.31
C GLY B 53 12.10 87.53 -21.60
N PRO B 54 12.38 86.37 -21.02
CA PRO B 54 13.62 85.63 -21.17
C PRO B 54 13.93 85.30 -22.60
N ASN B 55 15.22 85.18 -22.95
CA ASN B 55 15.65 84.82 -24.27
C ASN B 55 16.12 83.41 -24.27
N SER B 56 16.00 82.70 -23.13
CA SER B 56 16.49 81.36 -23.04
C SER B 56 15.72 80.70 -21.95
N PHE B 57 15.71 79.35 -21.97
CA PHE B 57 15.03 78.54 -21.00
C PHE B 57 15.78 77.24 -21.02
N ALA B 58 15.84 76.52 -19.89
CA ALA B 58 16.51 75.24 -19.84
C ALA B 58 15.91 74.45 -18.74
N THR B 59 15.94 73.11 -18.87
CA THR B 59 15.44 72.18 -17.89
C THR B 59 16.32 71.00 -17.97
N THR B 60 16.59 70.39 -16.81
CA THR B 60 17.39 69.21 -16.67
C THR B 60 16.52 68.22 -15.94
N ALA B 61 16.61 66.94 -16.31
CA ALA B 61 15.78 65.92 -15.77
C ALA B 61 16.44 64.62 -16.05
N GLN B 62 15.93 63.54 -15.41
CA GLN B 62 16.32 62.17 -15.65
C GLN B 62 15.86 61.78 -17.04
N PRO B 63 16.57 60.97 -17.82
CA PRO B 63 16.18 60.55 -19.15
C PRO B 63 14.83 59.87 -19.22
N GLU B 64 14.30 59.72 -20.46
CA GLU B 64 13.05 59.04 -20.74
C GLU B 64 13.34 57.59 -21.04
N ASN B 65 14.60 57.16 -20.81
CA ASN B 65 15.05 55.81 -21.00
C ASN B 65 15.83 55.52 -19.74
N LYS B 66 15.11 55.52 -18.60
CA LYS B 66 15.61 55.28 -17.27
C LYS B 66 16.11 53.87 -17.15
N ASP B 67 17.10 53.63 -16.27
CA ASP B 67 17.67 52.33 -16.07
C ASP B 67 16.84 51.64 -15.03
N VAL B 68 16.01 50.68 -15.46
CA VAL B 68 15.10 49.95 -14.61
C VAL B 68 15.13 48.53 -15.07
N VAL B 69 14.61 47.62 -14.23
CA VAL B 69 14.56 46.20 -14.47
C VAL B 69 13.11 45.86 -14.35
N GLN B 70 12.57 45.07 -15.29
CA GLN B 70 11.21 44.61 -15.28
C GLN B 70 11.25 43.14 -14.96
N ALA B 71 10.18 42.62 -14.31
CA ALA B 71 10.06 41.22 -14.02
C ALA B 71 8.62 40.91 -14.22
N THR B 72 8.30 39.83 -14.95
CA THR B 72 6.95 39.42 -15.27
C THR B 72 6.87 37.98 -14.86
N THR B 73 5.71 37.53 -14.35
CA THR B 73 5.54 36.17 -13.92
C THR B 73 4.19 35.75 -14.40
N THR B 74 4.09 34.50 -14.91
CA THR B 74 2.81 33.91 -15.23
C THR B 74 2.83 32.63 -14.45
N VAL B 75 2.30 31.52 -14.99
CA VAL B 75 2.22 30.28 -14.25
C VAL B 75 3.46 29.54 -14.60
N ASN B 76 4.29 29.21 -13.56
CA ASN B 76 5.53 28.49 -13.66
C ASN B 76 6.50 29.17 -14.59
N THR B 77 6.68 30.49 -14.47
CA THR B 77 7.41 31.25 -15.47
C THR B 77 7.73 32.57 -14.88
N THR B 78 9.02 32.96 -14.93
CA THR B 78 9.49 34.28 -14.57
C THR B 78 10.23 34.74 -15.79
N ASN B 79 10.21 36.06 -16.07
CA ASN B 79 10.83 36.65 -17.21
C ASN B 79 11.48 37.91 -16.74
N LEU B 80 12.79 37.85 -16.41
CA LEU B 80 13.55 38.95 -15.89
C LEU B 80 14.17 39.68 -17.05
N THR B 81 13.78 40.94 -17.30
CA THR B 81 14.31 41.75 -18.38
C THR B 81 15.05 42.86 -17.73
N GLN B 82 16.25 43.22 -18.21
CA GLN B 82 17.04 44.25 -17.59
C GLN B 82 17.16 45.46 -18.44
N HIS B 83 16.52 45.47 -19.63
CA HIS B 83 16.51 46.61 -20.50
C HIS B 83 15.14 46.73 -21.11
N PRO B 84 14.05 46.81 -20.33
CA PRO B 84 12.71 46.86 -20.86
C PRO B 84 12.43 48.11 -21.67
N SER B 85 11.37 48.05 -22.49
CA SER B 85 10.84 49.17 -23.23
C SER B 85 9.52 49.38 -22.58
N ALA B 86 8.87 50.54 -22.82
CA ALA B 86 7.54 50.80 -22.33
C ALA B 86 6.57 49.87 -23.03
N PRO B 87 5.60 49.24 -22.38
CA PRO B 87 4.68 48.33 -23.04
C PRO B 87 3.59 49.13 -23.66
N THR B 88 3.06 48.68 -24.81
CA THR B 88 2.08 49.41 -25.57
C THR B 88 0.85 48.57 -25.67
N ILE B 89 -0.30 49.25 -25.85
CA ILE B 89 -1.59 48.64 -25.96
C ILE B 89 -2.24 49.40 -27.09
N PRO B 90 -3.27 48.89 -27.77
CA PRO B 90 -3.99 49.59 -28.85
C PRO B 90 -4.64 50.89 -28.45
N PHE B 91 -5.36 51.55 -29.39
CA PHE B 91 -6.16 52.72 -29.11
C PHE B 91 -7.38 52.30 -28.36
N THR B 92 -7.66 52.95 -27.22
CA THR B 92 -8.76 52.71 -26.29
C THR B 92 -9.17 51.26 -26.17
N PRO B 93 -8.34 50.38 -25.65
CA PRO B 93 -8.54 48.96 -25.74
C PRO B 93 -9.41 48.48 -24.62
N ASP B 94 -10.09 47.33 -24.81
CA ASP B 94 -10.95 46.74 -23.84
C ASP B 94 -10.39 45.36 -23.70
N PHE B 95 -9.93 45.02 -22.49
CA PHE B 95 -9.24 43.78 -22.23
C PHE B 95 -10.11 42.78 -21.56
N LYS B 96 -11.42 43.11 -21.33
CA LYS B 96 -12.39 42.13 -20.90
C LYS B 96 -12.59 41.28 -22.11
N ASN B 97 -12.49 39.95 -21.97
CA ASN B 97 -12.45 39.07 -23.10
C ASN B 97 -13.81 38.47 -23.31
N VAL B 98 -14.75 38.75 -22.39
CA VAL B 98 -16.10 38.26 -22.41
C VAL B 98 -16.83 38.85 -23.58
N ASP B 99 -17.58 38.00 -24.32
CA ASP B 99 -18.38 38.39 -25.44
C ASP B 99 -19.70 38.86 -24.88
N ASN B 100 -20.12 40.08 -25.25
CA ASN B 100 -21.35 40.67 -24.83
C ASN B 100 -22.56 40.15 -25.54
N PHE B 101 -22.37 39.51 -26.71
CA PHE B 101 -23.47 38.99 -27.47
C PHE B 101 -23.63 37.54 -27.31
N HIS B 102 -22.73 36.89 -26.54
CA HIS B 102 -22.80 35.49 -26.16
C HIS B 102 -23.00 34.57 -27.32
N SER B 103 -22.05 34.61 -28.27
CA SER B 103 -22.10 33.84 -29.49
C SER B 103 -21.82 32.40 -29.22
N MET B 104 -21.17 32.10 -28.09
CA MET B 104 -21.07 30.79 -27.54
C MET B 104 -21.73 31.01 -26.24
N ALA B 105 -22.96 30.48 -26.08
CA ALA B 105 -23.78 30.78 -24.94
C ALA B 105 -23.69 29.66 -23.95
N TYR B 106 -22.46 29.43 -23.44
CA TYR B 106 -22.17 28.51 -22.38
C TYR B 106 -21.52 29.39 -21.39
N ASP B 107 -21.36 28.91 -20.13
CA ASP B 107 -20.60 29.58 -19.11
C ASP B 107 -19.16 29.65 -19.53
N ILE B 108 -18.43 30.68 -19.08
CA ILE B 108 -17.07 30.91 -19.47
C ILE B 108 -16.15 29.95 -18.77
N THR B 109 -16.67 29.27 -17.72
CA THR B 109 -15.96 28.27 -16.95
C THR B 109 -15.90 26.96 -17.68
N THR B 110 -16.70 26.77 -18.76
CA THR B 110 -16.60 25.64 -19.66
C THR B 110 -15.27 25.68 -20.33
N GLY B 111 -14.58 24.53 -20.42
CA GLY B 111 -13.26 24.43 -20.97
C GLY B 111 -12.25 24.34 -19.87
N ASP B 112 -12.62 24.81 -18.66
CA ASP B 112 -11.84 24.60 -17.47
C ASP B 112 -12.54 23.59 -16.62
N LYS B 113 -13.83 23.32 -16.88
CA LYS B 113 -14.60 22.33 -16.18
C LYS B 113 -14.99 21.26 -17.13
N ASN B 114 -14.52 21.32 -18.38
CA ASN B 114 -14.75 20.30 -19.36
C ASN B 114 -13.88 19.09 -19.13
N PRO B 115 -12.69 19.11 -18.52
CA PRO B 115 -11.98 17.89 -18.18
C PRO B 115 -12.52 17.13 -17.01
N SER B 116 -13.82 17.23 -16.68
CA SER B 116 -14.33 16.57 -15.51
C SER B 116 -15.76 16.26 -15.72
N LYS B 117 -16.21 16.22 -16.99
CA LYS B 117 -17.57 15.91 -17.32
C LYS B 117 -17.75 14.43 -17.32
N LEU B 118 -19.03 13.98 -17.43
CA LEU B 118 -19.41 12.59 -17.41
C LEU B 118 -19.00 11.95 -18.70
N ILE B 119 -18.12 10.93 -18.64
CA ILE B 119 -17.69 10.19 -19.80
C ILE B 119 -17.99 8.75 -19.57
N ARG B 120 -18.12 7.99 -20.68
CA ARG B 120 -18.30 6.57 -20.66
C ARG B 120 -16.96 5.95 -20.45
N LEU B 121 -16.72 5.34 -19.26
CA LEU B 121 -15.44 4.78 -18.91
C LEU B 121 -15.24 3.42 -19.47
N ASP B 122 -16.28 2.57 -19.49
CA ASP B 122 -16.13 1.23 -19.98
C ASP B 122 -17.50 0.76 -20.32
N THR B 123 -17.59 -0.44 -20.90
CA THR B 123 -18.81 -1.08 -21.24
C THR B 123 -18.42 -2.51 -21.46
N ALA B 124 -19.29 -3.45 -21.04
CA ALA B 124 -19.00 -4.85 -21.16
C ALA B 124 -20.32 -5.52 -21.40
N SER B 125 -20.30 -6.85 -21.49
CA SER B 125 -21.47 -7.67 -21.66
C SER B 125 -21.48 -8.65 -20.56
N TRP B 126 -22.69 -9.08 -20.20
CA TRP B 126 -22.98 -9.97 -19.13
C TRP B 126 -23.81 -11.09 -19.64
N GLN B 127 -23.16 -12.18 -20.11
CA GLN B 127 -23.78 -13.41 -20.57
C GLN B 127 -24.62 -13.99 -19.47
N THR B 128 -25.57 -14.88 -19.79
CA THR B 128 -26.46 -15.42 -18.81
C THR B 128 -25.83 -16.66 -18.20
N SER B 129 -24.60 -17.01 -18.64
CA SER B 129 -23.87 -18.15 -18.18
C SER B 129 -22.82 -17.79 -17.16
N TYR B 130 -22.61 -16.49 -16.87
CA TYR B 130 -21.65 -16.05 -15.89
C TYR B 130 -22.13 -16.43 -14.52
N SER B 131 -21.22 -16.94 -13.66
CA SER B 131 -21.58 -17.47 -12.36
C SER B 131 -21.71 -16.36 -11.37
N ARG B 132 -21.43 -16.64 -10.08
CA ARG B 132 -21.85 -15.78 -9.01
C ARG B 132 -20.75 -14.94 -8.47
N GLN B 133 -19.56 -14.90 -9.09
CA GLN B 133 -18.51 -14.06 -8.56
C GLN B 133 -17.67 -13.66 -9.71
N TYR B 134 -18.21 -13.80 -10.95
CA TYR B 134 -17.56 -13.44 -12.17
C TYR B 134 -17.39 -11.95 -12.22
N GLU B 135 -16.21 -11.48 -12.64
CA GLU B 135 -15.90 -10.08 -12.72
C GLU B 135 -16.23 -9.58 -14.10
N ILE B 136 -17.30 -8.78 -14.22
CA ILE B 136 -17.78 -8.20 -15.44
C ILE B 136 -16.83 -7.13 -15.92
N THR B 137 -16.79 -5.94 -15.27
CA THR B 137 -15.97 -4.83 -15.68
C THR B 137 -14.89 -4.63 -14.66
N THR B 138 -13.96 -3.72 -14.98
CA THR B 138 -12.88 -3.32 -14.13
C THR B 138 -12.37 -2.07 -14.78
N VAL B 139 -12.42 -0.94 -14.04
CA VAL B 139 -12.05 0.36 -14.53
C VAL B 139 -10.90 0.88 -13.73
N GLU B 140 -9.66 0.90 -14.27
CA GLU B 140 -8.46 1.45 -13.65
C GLU B 140 -8.61 2.92 -13.35
N LEU B 141 -8.93 3.31 -12.10
CA LEU B 141 -9.51 4.61 -11.83
C LEU B 141 -8.82 5.87 -12.22
N PRO B 142 -7.56 6.20 -12.06
CA PRO B 142 -7.08 7.52 -12.45
C PRO B 142 -6.99 7.56 -13.94
N LYS B 143 -6.33 6.55 -14.55
CA LYS B 143 -5.95 6.55 -15.92
C LYS B 143 -7.06 6.33 -16.89
N SER B 144 -8.24 5.84 -16.44
CA SER B 144 -9.33 5.57 -17.34
C SER B 144 -10.17 6.76 -17.59
N PHE B 145 -9.83 7.92 -17.00
CA PHE B 145 -10.58 9.13 -17.24
C PHE B 145 -9.95 9.91 -18.33
N TRP B 146 -8.75 9.50 -18.77
CA TRP B 146 -8.04 10.24 -19.75
C TRP B 146 -7.03 9.32 -20.32
N ASP B 147 -7.53 8.18 -20.82
CA ASP B 147 -6.76 7.09 -21.35
C ASP B 147 -6.74 7.13 -22.84
N ASP B 148 -7.73 7.84 -23.43
CA ASP B 148 -7.92 7.88 -24.85
C ASP B 148 -8.26 9.28 -25.18
N THR B 149 -8.06 9.68 -26.44
CA THR B 149 -8.28 10.99 -27.00
C THR B 149 -9.69 11.44 -26.85
N ARG B 150 -10.67 10.51 -26.96
CA ARG B 150 -12.08 10.81 -26.91
C ARG B 150 -12.52 11.36 -25.58
N LYS B 151 -11.73 11.13 -24.51
CA LYS B 151 -12.03 11.58 -23.18
C LYS B 151 -11.49 12.97 -23.08
N PRO B 152 -12.26 13.98 -22.70
CA PRO B 152 -11.92 15.39 -22.82
C PRO B 152 -10.94 15.86 -21.79
N ALA B 153 -10.44 14.97 -20.93
CA ALA B 153 -9.50 15.34 -19.90
C ALA B 153 -8.16 14.84 -20.27
N TYR B 154 -8.04 14.21 -21.45
CA TYR B 154 -6.86 13.63 -21.99
C TYR B 154 -5.81 14.66 -22.23
N GLY B 155 -6.22 15.85 -22.76
CA GLY B 155 -5.34 16.92 -23.13
C GLY B 155 -4.65 17.51 -21.96
N GLN B 156 -5.38 17.76 -20.85
CA GLN B 156 -4.80 18.31 -19.65
C GLN B 156 -3.97 17.34 -18.90
N ALA B 157 -4.25 16.03 -19.01
CA ALA B 157 -3.57 15.01 -18.26
C ALA B 157 -2.20 14.76 -18.76
N LYS B 158 -1.89 15.15 -20.00
CA LYS B 158 -0.59 14.97 -20.60
C LYS B 158 0.46 15.88 -20.07
N TYR B 159 0.07 17.04 -19.52
CA TYR B 159 1.01 18.03 -19.07
C TYR B 159 1.29 17.94 -17.63
N PHE B 160 0.63 17.05 -16.87
CA PHE B 160 0.86 16.93 -15.45
C PHE B 160 1.11 15.51 -15.10
N ALA B 161 2.06 15.29 -14.18
CA ALA B 161 2.49 14.01 -13.70
C ALA B 161 1.70 13.52 -12.53
N ALA B 162 1.17 14.44 -11.69
CA ALA B 162 0.53 14.06 -10.46
C ALA B 162 -0.89 14.51 -10.50
N VAL B 163 -1.80 13.80 -9.79
CA VAL B 163 -3.19 14.15 -9.75
C VAL B 163 -3.73 13.80 -8.39
N ARG B 164 -4.86 14.43 -7.99
CA ARG B 164 -5.59 14.12 -6.80
C ARG B 164 -7.00 14.38 -7.22
N CYS B 165 -7.92 13.41 -7.10
CA CYS B 165 -9.26 13.61 -7.59
C CYS B 165 -10.24 12.69 -6.95
N GLY B 166 -11.51 13.14 -6.91
CA GLY B 166 -12.66 12.46 -6.36
C GLY B 166 -13.56 12.15 -7.50
N PHE B 167 -14.12 10.93 -7.54
CA PHE B 167 -14.92 10.44 -8.63
C PHE B 167 -16.37 10.39 -8.25
N HIS B 168 -17.25 10.29 -9.27
CA HIS B 168 -18.65 10.03 -9.17
C HIS B 168 -18.88 9.01 -10.23
N PHE B 169 -19.41 7.81 -9.91
CA PHE B 169 -19.64 6.78 -10.89
C PHE B 169 -21.08 6.52 -10.99
N GLN B 170 -21.57 6.23 -12.21
CA GLN B 170 -22.92 5.79 -12.41
C GLN B 170 -22.74 4.57 -13.23
N VAL B 171 -23.09 3.38 -12.70
CA VAL B 171 -22.97 2.13 -13.42
C VAL B 171 -24.35 1.79 -13.77
N GLN B 172 -24.61 1.55 -15.07
CA GLN B 172 -25.93 1.39 -15.58
C GLN B 172 -26.04 0.03 -16.18
N VAL B 173 -27.06 -0.72 -15.76
CA VAL B 173 -27.34 -2.04 -16.24
C VAL B 173 -28.81 -2.02 -16.49
N ASN B 174 -29.27 -2.32 -17.71
CA ASN B 174 -30.67 -2.33 -18.03
C ASN B 174 -31.04 -3.71 -18.43
N VAL B 175 -32.13 -4.24 -17.84
CA VAL B 175 -32.71 -5.50 -18.21
C VAL B 175 -34.16 -5.24 -18.35
N ASN B 176 -34.86 -6.14 -19.08
CA ASN B 176 -36.27 -6.07 -19.32
C ASN B 176 -36.97 -6.53 -18.08
N GLN B 177 -38.27 -6.21 -17.96
CA GLN B 177 -39.07 -6.71 -16.87
C GLN B 177 -39.32 -8.16 -17.08
N GLY B 178 -38.97 -8.98 -16.07
CA GLY B 178 -39.14 -10.41 -16.12
C GLY B 178 -37.82 -11.07 -16.19
N THR B 179 -36.73 -10.40 -15.77
CA THR B 179 -35.41 -10.97 -15.73
C THR B 179 -34.88 -10.59 -14.39
N ALA B 180 -34.35 -11.57 -13.65
CA ALA B 180 -33.82 -11.37 -12.32
C ALA B 180 -32.32 -11.27 -12.39
N GLY B 181 -31.64 -11.35 -11.22
CA GLY B 181 -30.20 -11.25 -11.15
C GLY B 181 -29.85 -9.88 -10.68
N SER B 182 -28.68 -9.74 -10.02
CA SER B 182 -28.20 -8.50 -9.48
C SER B 182 -26.73 -8.44 -9.72
N ALA B 183 -26.10 -7.29 -9.42
CA ALA B 183 -24.71 -7.06 -9.62
C ALA B 183 -24.23 -6.32 -8.43
N LEU B 184 -22.92 -6.34 -8.20
CA LEU B 184 -22.29 -5.69 -7.10
C LEU B 184 -21.32 -4.75 -7.73
N VAL B 185 -21.48 -3.44 -7.47
CA VAL B 185 -20.60 -2.42 -7.97
C VAL B 185 -19.76 -2.03 -6.80
N VAL B 186 -18.48 -2.43 -6.75
CA VAL B 186 -17.57 -2.15 -5.67
C VAL B 186 -16.49 -1.25 -6.14
N TYR B 187 -16.08 -0.34 -5.26
CA TYR B 187 -14.94 0.50 -5.45
C TYR B 187 -13.88 -0.11 -4.60
N GLU B 188 -12.86 -0.70 -5.24
CA GLU B 188 -11.77 -1.30 -4.55
C GLU B 188 -10.64 -0.31 -4.65
N PRO B 189 -9.93 0.08 -3.60
CA PRO B 189 -8.84 1.01 -3.70
C PRO B 189 -7.62 0.20 -3.97
N LYS B 190 -6.46 0.84 -4.16
CA LYS B 190 -5.22 0.21 -4.51
C LYS B 190 -4.76 -0.92 -3.62
N PRO B 191 -4.90 -0.97 -2.30
CA PRO B 191 -4.49 -2.11 -1.51
C PRO B 191 -5.34 -3.32 -1.74
N VAL B 192 -6.62 -3.13 -2.14
CA VAL B 192 -7.55 -4.20 -2.33
C VAL B 192 -7.33 -4.87 -3.65
N ILE B 193 -6.85 -4.13 -4.68
CA ILE B 193 -6.52 -4.67 -5.97
C ILE B 193 -5.40 -5.66 -5.83
N ASP B 194 -4.38 -5.29 -5.03
CA ASP B 194 -3.18 -6.04 -4.79
C ASP B 194 -3.41 -7.36 -4.13
N SER B 195 -4.32 -7.39 -3.15
CA SER B 195 -4.56 -8.54 -2.32
C SER B 195 -5.90 -9.17 -2.56
N ARG B 196 -6.56 -8.91 -3.70
CA ARG B 196 -7.90 -9.36 -3.99
C ARG B 196 -8.09 -10.84 -3.92
N GLN B 197 -7.08 -11.63 -4.31
CA GLN B 197 -7.12 -13.08 -4.32
C GLN B 197 -7.24 -13.69 -2.95
N TYR B 198 -6.95 -12.92 -1.88
CA TYR B 198 -6.89 -13.40 -0.53
C TYR B 198 -8.07 -12.93 0.25
N LEU B 199 -9.09 -12.33 -0.39
CA LEU B 199 -10.22 -11.74 0.28
C LEU B 199 -11.44 -12.56 0.03
N GLU B 200 -12.43 -12.41 0.93
CA GLU B 200 -13.69 -13.09 0.88
C GLU B 200 -14.63 -12.23 0.10
N PHE B 201 -15.39 -12.86 -0.81
CA PHE B 201 -16.34 -12.21 -1.65
C PHE B 201 -17.59 -11.84 -0.87
N GLY B 202 -17.84 -12.53 0.26
CA GLY B 202 -19.00 -12.29 1.07
C GLY B 202 -18.93 -11.00 1.81
N SER B 203 -17.71 -10.53 2.12
CA SER B 203 -17.48 -9.32 2.84
C SER B 203 -16.96 -8.26 1.92
N LEU B 204 -17.23 -8.38 0.60
CA LEU B 204 -16.78 -7.44 -0.40
C LEU B 204 -17.59 -6.18 -0.32
N THR B 205 -18.70 -6.20 0.46
CA THR B 205 -19.58 -5.10 0.68
C THR B 205 -19.14 -4.30 1.89
N ASN B 206 -17.87 -4.49 2.35
CA ASN B 206 -17.25 -3.65 3.35
C ASN B 206 -16.70 -2.44 2.68
N LEU B 207 -16.58 -2.47 1.34
CA LEU B 207 -16.10 -1.41 0.52
C LEU B 207 -17.26 -0.58 0.11
N PRO B 208 -17.11 0.66 -0.35
CA PRO B 208 -18.19 1.49 -0.87
C PRO B 208 -18.80 0.83 -2.07
N HIS B 209 -19.99 0.22 -1.90
CA HIS B 209 -20.58 -0.57 -2.92
C HIS B 209 -21.97 -0.11 -3.17
N VAL B 210 -22.61 -0.67 -4.21
CA VAL B 210 -24.01 -0.51 -4.47
C VAL B 210 -24.40 -1.85 -4.96
N LEU B 211 -25.11 -2.63 -4.13
CA LEU B 211 -25.64 -3.89 -4.51
C LEU B 211 -26.95 -3.64 -5.19
N MET B 212 -27.00 -3.74 -6.55
CA MET B 212 -28.14 -3.36 -7.35
C MET B 212 -28.89 -4.50 -7.93
N ASN B 213 -30.16 -4.69 -7.49
CA ASN B 213 -31.10 -5.63 -8.01
C ASN B 213 -31.58 -5.08 -9.33
N LEU B 214 -31.40 -5.85 -10.42
CA LEU B 214 -31.68 -5.37 -11.75
C LEU B 214 -33.15 -5.27 -12.04
N ALA B 215 -33.99 -5.95 -11.25
CA ALA B 215 -35.42 -5.93 -11.43
C ALA B 215 -35.98 -4.59 -11.02
N GLU B 216 -35.23 -3.81 -10.20
CA GLU B 216 -35.65 -2.53 -9.71
C GLU B 216 -34.84 -1.45 -10.37
N THR B 217 -33.62 -1.14 -9.88
CA THR B 217 -32.79 -0.08 -10.41
C THR B 217 -32.12 -0.47 -11.68
N THR B 218 -31.74 0.57 -12.45
CA THR B 218 -31.00 0.43 -13.67
C THR B 218 -29.78 1.30 -13.56
N GLN B 219 -29.46 1.85 -12.36
CA GLN B 219 -28.31 2.69 -12.20
C GLN B 219 -27.91 2.78 -10.77
N ALA B 220 -26.60 2.59 -10.50
CA ALA B 220 -26.03 2.69 -9.19
C ALA B 220 -25.11 3.87 -9.17
N ASP B 221 -25.45 4.95 -8.43
CA ASP B 221 -24.56 6.08 -8.26
C ASP B 221 -23.64 5.76 -7.13
N LEU B 222 -22.40 6.30 -7.14
CA LEU B 222 -21.44 5.95 -6.13
C LEU B 222 -20.36 6.99 -6.13
N CYS B 223 -20.36 7.93 -5.17
CA CYS B 223 -19.37 8.97 -5.07
C CYS B 223 -18.22 8.46 -4.24
N ILE B 224 -16.99 8.60 -4.75
CA ILE B 224 -15.80 8.08 -4.14
C ILE B 224 -14.86 9.25 -3.96
N PRO B 225 -14.22 9.52 -2.83
CA PRO B 225 -13.29 10.61 -2.70
C PRO B 225 -11.92 10.09 -3.05
N TYR B 226 -10.86 10.90 -2.87
CA TYR B 226 -9.50 10.50 -3.10
C TYR B 226 -9.07 9.58 -1.99
N VAL B 227 -8.71 8.32 -2.30
CA VAL B 227 -8.33 7.33 -1.32
C VAL B 227 -7.03 6.75 -1.80
N ALA B 228 -5.91 7.01 -1.09
CA ALA B 228 -4.62 6.51 -1.46
C ALA B 228 -3.78 6.57 -0.24
N ASP B 229 -2.51 6.10 -0.33
CA ASP B 229 -1.58 6.06 0.77
C ASP B 229 -0.58 7.17 0.60
N THR B 230 -0.66 7.94 -0.50
CA THR B 230 0.20 9.05 -0.78
C THR B 230 -0.72 10.16 -1.12
N ASN B 231 -0.26 11.42 -0.99
CA ASN B 231 -1.03 12.61 -1.23
C ASN B 231 -1.46 12.77 -2.65
N TYR B 232 -0.58 12.44 -3.62
CA TYR B 232 -0.90 12.49 -5.01
C TYR B 232 -0.52 11.18 -5.60
N VAL B 233 -1.26 10.73 -6.63
CA VAL B 233 -0.91 9.56 -7.39
C VAL B 233 -0.37 10.03 -8.69
N LYS B 234 0.30 9.12 -9.44
CA LYS B 234 0.80 9.35 -10.77
C LYS B 234 -0.38 9.35 -11.66
N THR B 235 -0.38 10.19 -12.70
CA THR B 235 -1.51 10.28 -13.59
C THR B 235 -1.75 8.98 -14.29
N ASP B 236 -0.75 8.48 -15.03
CA ASP B 236 -0.86 7.27 -15.79
C ASP B 236 -0.64 6.06 -14.91
N SER B 237 -1.61 5.72 -14.05
CA SER B 237 -1.49 4.59 -13.18
C SER B 237 -2.88 4.24 -12.74
N SER B 238 -3.01 3.06 -12.09
CA SER B 238 -4.22 2.51 -11.56
C SER B 238 -4.14 2.57 -10.06
N ASP B 239 -3.46 3.60 -9.52
CA ASP B 239 -3.12 3.69 -8.13
C ASP B 239 -4.16 4.31 -7.26
N LEU B 240 -5.39 4.49 -7.77
CA LEU B 240 -6.54 4.80 -6.95
C LEU B 240 -7.44 3.64 -7.05
N GLY B 241 -6.91 2.45 -7.38
CA GLY B 241 -7.66 1.23 -7.42
C GLY B 241 -8.44 1.14 -8.67
N GLN B 242 -9.60 0.46 -8.60
CA GLN B 242 -10.40 0.17 -9.76
C GLN B 242 -11.81 0.19 -9.27
N LEU B 243 -12.77 0.14 -10.22
CA LEU B 243 -14.16 0.06 -9.91
C LEU B 243 -14.62 -1.13 -10.66
N ARG B 244 -14.70 -2.27 -9.96
CA ARG B 244 -15.11 -3.51 -10.53
C ARG B 244 -16.58 -3.66 -10.41
N VAL B 245 -17.16 -4.53 -11.26
CA VAL B 245 -18.55 -4.86 -11.26
C VAL B 245 -18.61 -6.34 -11.33
N TYR B 246 -19.09 -7.02 -10.28
CA TYR B 246 -19.16 -8.44 -10.16
C TYR B 246 -20.58 -8.86 -10.31
N VAL B 247 -20.82 -10.15 -10.60
CA VAL B 247 -22.12 -10.75 -10.67
C VAL B 247 -22.43 -11.15 -9.27
N TRP B 248 -23.51 -10.60 -8.67
CA TRP B 248 -23.95 -10.93 -7.35
C TRP B 248 -24.79 -12.17 -7.42
N THR B 249 -25.75 -12.26 -8.36
CA THR B 249 -26.54 -13.44 -8.58
C THR B 249 -26.66 -13.53 -10.08
N PRO B 250 -26.59 -14.67 -10.76
CA PRO B 250 -26.59 -14.74 -12.21
C PRO B 250 -27.91 -14.31 -12.78
N LEU B 251 -27.94 -13.86 -14.06
CA LEU B 251 -29.16 -13.51 -14.76
C LEU B 251 -30.05 -14.71 -14.85
N SER B 252 -31.35 -14.53 -14.53
CA SER B 252 -32.32 -15.56 -14.56
C SER B 252 -33.27 -15.12 -15.62
N VAL B 253 -32.94 -15.46 -16.88
CA VAL B 253 -33.70 -15.03 -18.02
C VAL B 253 -34.69 -16.12 -18.35
N PRO B 254 -35.87 -15.82 -18.84
CA PRO B 254 -36.82 -16.81 -19.28
C PRO B 254 -36.53 -17.03 -20.74
N THR B 255 -37.13 -18.05 -21.38
CA THR B 255 -36.93 -18.35 -22.77
C THR B 255 -37.50 -17.25 -23.62
N GLY B 256 -36.77 -16.85 -24.69
CA GLY B 256 -37.20 -15.83 -25.61
C GLY B 256 -37.02 -14.45 -25.07
N ALA B 257 -35.98 -14.23 -24.27
CA ALA B 257 -35.66 -12.95 -23.71
C ALA B 257 -34.19 -12.78 -23.93
N SER B 258 -33.67 -11.56 -23.68
CA SER B 258 -32.29 -11.19 -23.86
C SER B 258 -31.39 -12.01 -22.97
N ASN B 259 -30.17 -12.36 -23.46
CA ASN B 259 -29.25 -13.19 -22.74
C ASN B 259 -28.10 -12.33 -22.32
N GLU B 260 -27.65 -11.43 -23.22
CA GLU B 260 -26.59 -10.50 -22.96
C GLU B 260 -27.22 -9.27 -22.44
N VAL B 261 -26.53 -8.57 -21.53
CA VAL B 261 -26.99 -7.39 -20.90
C VAL B 261 -25.76 -6.57 -20.80
N ASP B 262 -25.79 -5.31 -21.30
CA ASP B 262 -24.62 -4.45 -21.24
C ASP B 262 -24.48 -3.87 -19.86
N VAL B 263 -23.23 -3.56 -19.46
CA VAL B 263 -22.94 -2.93 -18.20
C VAL B 263 -22.02 -1.81 -18.55
N THR B 264 -22.53 -0.57 -18.51
CA THR B 264 -21.79 0.61 -18.85
C THR B 264 -21.41 1.23 -17.56
N VAL B 265 -20.24 1.91 -17.51
CA VAL B 265 -19.74 2.58 -16.35
C VAL B 265 -19.48 3.96 -16.83
N MET B 266 -20.15 4.97 -16.25
CA MET B 266 -19.96 6.36 -16.56
C MET B 266 -19.24 6.88 -15.36
N GLY B 267 -18.37 7.89 -15.53
CA GLY B 267 -17.65 8.46 -14.43
C GLY B 267 -17.60 9.91 -14.67
N SER B 268 -17.34 10.71 -13.62
CA SER B 268 -17.24 12.13 -13.71
C SER B 268 -16.37 12.44 -12.54
N LEU B 269 -15.48 13.44 -12.68
CA LEU B 269 -14.61 13.83 -11.61
C LEU B 269 -15.30 14.90 -10.83
N LEU B 270 -15.46 14.70 -9.51
CA LEU B 270 -16.02 15.67 -8.61
C LEU B 270 -15.11 16.84 -8.44
N GLN B 271 -13.79 16.57 -8.46
CA GLN B 271 -12.80 17.59 -8.32
C GLN B 271 -11.63 17.01 -9.00
N LEU B 272 -10.81 17.85 -9.66
CA LEU B 272 -9.64 17.44 -10.36
C LEU B 272 -8.59 18.41 -9.98
N ASP B 273 -7.34 17.94 -9.79
CA ASP B 273 -6.31 18.79 -9.28
C ASP B 273 -4.98 18.27 -9.73
N PHE B 274 -4.68 18.43 -11.04
CA PHE B 274 -3.41 18.10 -11.62
C PHE B 274 -2.35 19.03 -11.10
N GLN B 275 -1.12 18.55 -10.77
CA GLN B 275 -0.15 19.42 -10.14
C GLN B 275 1.28 19.47 -10.64
N ASN B 276 1.94 18.35 -11.00
CA ASN B 276 3.37 18.42 -11.28
C ASN B 276 3.62 18.62 -12.75
N PRO B 277 4.08 19.74 -13.31
CA PRO B 277 4.31 19.92 -14.74
C PRO B 277 5.34 18.94 -15.26
N ARG B 278 5.14 18.36 -16.46
CA ARG B 278 6.04 17.39 -16.99
C ARG B 278 6.11 17.59 -18.47
N PRO B 279 7.09 17.05 -19.20
CA PRO B 279 7.10 17.01 -20.65
C PRO B 279 5.92 16.22 -21.13
N TYR B 280 5.36 16.54 -22.31
CA TYR B 280 4.16 15.92 -22.83
C TYR B 280 4.18 14.41 -22.82
N GLY B 281 3.29 13.83 -21.97
CA GLY B 281 3.04 12.42 -21.83
C GLY B 281 4.21 11.62 -21.33
N GLU B 282 5.13 12.26 -20.58
CA GLU B 282 6.33 11.63 -20.08
C GLU B 282 5.96 10.82 -18.87
N ASP B 283 6.63 9.68 -18.64
CA ASP B 283 6.39 8.87 -17.49
C ASP B 283 7.32 9.37 -16.41
N VAL B 284 6.80 10.26 -15.54
CA VAL B 284 7.55 10.86 -14.47
C VAL B 284 7.09 10.15 -13.24
N GLU B 285 8.05 9.60 -12.46
CA GLU B 285 7.75 8.90 -11.25
C GLU B 285 7.85 9.89 -10.13
N ILE B 286 6.78 9.98 -9.33
CA ILE B 286 6.66 10.91 -8.24
C ILE B 286 6.60 10.14 -6.95
N TYR B 287 7.18 8.92 -6.91
CA TYR B 287 7.19 8.08 -5.74
C TYR B 287 8.59 7.75 -5.39
N ASP B 288 8.77 7.32 -4.12
CA ASP B 288 10.02 6.82 -3.60
C ASP B 288 9.83 5.33 -3.62
N ASN B 289 10.90 4.59 -3.97
CA ASN B 289 10.87 3.16 -4.03
C ASN B 289 11.03 2.63 -2.60
N SER C 25 -42.88 7.63 14.18
CA SER C 25 -43.59 6.33 14.19
C SER C 25 -42.75 5.26 13.57
N ILE C 26 -43.12 3.98 13.82
CA ILE C 26 -42.43 2.83 13.31
C ILE C 26 -42.96 2.60 11.93
N SER C 27 -42.06 2.59 10.94
CA SER C 27 -42.36 2.38 9.54
C SER C 27 -42.08 0.93 9.24
N PRO C 28 -42.47 0.36 8.10
CA PRO C 28 -42.23 -1.04 7.82
C PRO C 28 -40.79 -1.35 7.55
N ASN C 29 -39.92 -0.32 7.38
CA ASN C 29 -38.51 -0.48 7.17
C ASN C 29 -37.82 -0.81 8.44
N GLU C 30 -38.46 -0.46 9.57
CA GLU C 30 -37.98 -0.70 10.90
C GLU C 30 -38.62 -1.95 11.43
N LEU C 31 -39.31 -2.70 10.56
CA LEU C 31 -39.79 -4.02 10.87
C LEU C 31 -39.06 -4.99 9.98
N GLY C 32 -38.07 -4.52 9.20
CA GLY C 32 -37.22 -5.37 8.42
C GLY C 32 -37.64 -5.57 7.00
N LEU C 33 -38.08 -4.50 6.30
CA LEU C 33 -38.48 -4.61 4.92
C LEU C 33 -37.71 -3.52 4.26
N THR C 34 -36.67 -3.90 3.50
CA THR C 34 -35.73 -2.97 2.95
C THR C 34 -35.38 -3.46 1.58
N SER C 35 -34.55 -2.69 0.86
CA SER C 35 -34.02 -3.07 -0.41
C SER C 35 -32.56 -2.80 -0.17
N ALA C 36 -31.67 -3.70 -0.67
CA ALA C 36 -30.25 -3.63 -0.41
C ALA C 36 -29.58 -2.53 -1.20
N GLN C 37 -30.27 -2.06 -2.25
CA GLN C 37 -29.83 -1.02 -3.13
C GLN C 37 -30.17 0.33 -2.58
N ASP C 38 -31.08 0.38 -1.58
CA ASP C 38 -31.52 1.60 -0.94
C ASP C 38 -30.76 1.81 0.32
N ASP C 39 -29.62 1.10 0.48
CA ASP C 39 -28.66 1.38 1.53
C ASP C 39 -27.90 2.55 0.99
N GLY C 40 -27.94 3.68 1.71
CA GLY C 40 -27.36 4.94 1.28
C GLY C 40 -25.90 4.94 1.60
N PRO C 41 -25.33 5.90 2.33
CA PRO C 41 -23.93 5.92 2.67
C PRO C 41 -23.56 4.71 3.48
N LEU C 42 -22.32 4.21 3.31
CA LEU C 42 -21.83 3.00 3.90
C LEU C 42 -21.79 3.10 5.40
N GLY C 43 -22.17 2.01 6.08
CA GLY C 43 -22.15 1.92 7.52
C GLY C 43 -23.29 2.62 8.18
N ASN C 44 -24.44 2.69 7.48
CA ASN C 44 -25.62 3.36 7.97
C ASN C 44 -26.61 2.23 8.08
N GLU C 45 -26.97 1.89 9.34
CA GLU C 45 -27.84 0.79 9.62
C GLU C 45 -28.73 1.28 10.71
N LYS C 46 -29.91 0.64 10.86
CA LYS C 46 -30.89 1.00 11.86
C LYS C 46 -31.35 -0.31 12.43
N PRO C 47 -31.85 -0.35 13.66
CA PRO C 47 -32.28 -1.60 14.26
C PRO C 47 -33.72 -1.80 13.92
N ASN C 48 -34.19 -3.06 13.96
CA ASN C 48 -35.55 -3.42 13.67
C ASN C 48 -36.19 -3.73 14.97
N TYR C 49 -37.52 -3.73 14.99
CA TYR C 49 -38.31 -3.98 16.15
C TYR C 49 -39.21 -5.12 15.83
N PHE C 50 -39.43 -5.97 16.85
CA PHE C 50 -40.41 -7.01 16.88
C PHE C 50 -41.23 -6.58 18.05
N LEU C 51 -42.42 -7.20 18.23
CA LEU C 51 -43.34 -6.82 19.27
C LEU C 51 -42.77 -6.95 20.64
N ASN C 52 -41.99 -8.03 20.88
CA ASN C 52 -41.52 -8.39 22.20
C ASN C 52 -40.03 -8.24 22.36
N PHE C 53 -39.29 -7.62 21.42
CA PHE C 53 -37.89 -7.41 21.66
C PHE C 53 -37.40 -6.29 20.80
N ARG C 54 -36.31 -5.65 21.27
CA ARG C 54 -35.62 -4.59 20.60
C ARG C 54 -34.23 -4.68 21.17
N THR C 55 -33.27 -3.91 20.60
CA THR C 55 -31.88 -3.90 21.01
C THR C 55 -31.74 -3.52 22.46
N MET C 56 -30.87 -4.24 23.19
CA MET C 56 -30.80 -4.16 24.63
C MET C 56 -29.67 -3.26 24.98
N ASN C 57 -28.42 -3.72 24.80
CA ASN C 57 -27.20 -3.02 25.11
C ASN C 57 -26.94 -3.13 26.58
N VAL C 58 -26.11 -4.13 26.97
CA VAL C 58 -25.81 -4.42 28.34
C VAL C 58 -24.32 -4.36 28.41
N ASP C 59 -23.77 -3.57 29.35
CA ASP C 59 -22.34 -3.45 29.55
C ASP C 59 -22.02 -4.38 30.68
N ILE C 60 -21.00 -5.23 30.52
CA ILE C 60 -20.64 -6.17 31.55
C ILE C 60 -19.20 -5.95 31.94
N PHE C 61 -18.59 -4.84 31.47
CA PHE C 61 -17.26 -4.43 31.81
C PHE C 61 -17.31 -2.95 31.73
N THR C 62 -16.39 -2.26 32.44
CA THR C 62 -16.41 -0.82 32.56
C THR C 62 -15.82 -0.13 31.37
N VAL C 63 -15.10 -0.85 30.49
CA VAL C 63 -14.55 -0.29 29.29
C VAL C 63 -14.90 -1.26 28.21
N SER C 64 -14.90 -0.78 26.95
CA SER C 64 -15.19 -1.53 25.77
C SER C 64 -13.93 -2.24 25.39
N HIS C 65 -14.04 -3.44 24.76
CA HIS C 65 -12.87 -4.18 24.36
C HIS C 65 -12.74 -4.10 22.88
N THR C 66 -13.69 -3.44 22.19
CA THR C 66 -13.68 -3.31 20.77
C THR C 66 -13.28 -1.93 20.35
N LYS C 67 -13.14 -0.96 21.29
CA LYS C 67 -12.50 0.30 20.98
C LYS C 67 -11.14 0.09 20.43
N VAL C 68 -10.84 0.80 19.32
CA VAL C 68 -9.68 0.62 18.49
C VAL C 68 -8.42 0.84 19.24
N ASP C 69 -8.37 1.87 20.11
CA ASP C 69 -7.21 2.14 20.94
C ASP C 69 -6.90 1.00 21.87
N ASN C 70 -7.94 0.45 22.49
CA ASN C 70 -7.83 -0.60 23.46
C ASN C 70 -7.38 -1.91 22.90
N ILE C 71 -7.98 -2.40 21.80
CA ILE C 71 -7.69 -3.71 21.28
C ILE C 71 -6.29 -3.88 20.78
N PHE C 72 -5.69 -2.85 20.15
CA PHE C 72 -4.35 -2.96 19.62
C PHE C 72 -3.32 -2.50 20.60
N GLY C 73 -3.72 -2.20 21.86
CA GLY C 73 -2.82 -1.84 22.92
C GLY C 73 -2.14 -3.05 23.47
N ARG C 74 -2.76 -4.23 23.30
CA ARG C 74 -2.22 -5.49 23.69
C ARG C 74 -1.29 -5.94 22.61
N ALA C 75 -0.14 -6.55 22.96
CA ALA C 75 0.90 -6.88 22.02
C ALA C 75 0.66 -8.22 21.39
N TRP C 76 1.42 -8.55 20.35
CA TRP C 76 1.29 -9.81 19.66
C TRP C 76 2.66 -10.18 19.16
N TYR C 77 3.04 -11.45 19.31
CA TYR C 77 4.28 -12.02 18.85
C TYR C 77 4.50 -11.82 17.37
N VAL C 78 5.66 -11.26 16.99
CA VAL C 78 6.04 -11.06 15.62
C VAL C 78 7.03 -12.10 15.19
N THR C 79 8.27 -12.12 15.75
CA THR C 79 9.34 -12.99 15.30
C THR C 79 10.31 -13.16 16.42
N SER C 80 11.23 -14.14 16.26
CA SER C 80 12.28 -14.47 17.18
C SER C 80 13.50 -14.58 16.29
N HIS C 81 14.71 -14.29 16.82
CA HIS C 81 15.91 -14.30 16.02
C HIS C 81 17.10 -14.63 16.85
N ASP C 82 17.91 -15.62 16.39
CA ASP C 82 19.13 -16.01 17.04
C ASP C 82 20.30 -15.29 16.41
N PHE C 83 21.02 -14.51 17.23
CA PHE C 83 22.21 -13.76 16.94
C PHE C 83 23.46 -14.56 17.12
N ASN C 84 24.01 -15.21 16.07
CA ASN C 84 25.21 -15.99 16.24
C ASN C 84 26.44 -15.14 15.99
N ASN C 85 26.26 -13.84 15.67
CA ASN C 85 27.35 -12.92 15.45
C ASN C 85 26.82 -11.55 15.68
N GLY C 86 27.70 -10.53 15.55
CA GLY C 86 27.42 -9.16 15.91
C GLY C 86 26.62 -8.40 14.89
N ASP C 87 26.33 -9.00 13.71
CA ASP C 87 25.64 -8.36 12.61
C ASP C 87 24.25 -7.89 12.94
N THR C 88 23.85 -6.75 12.34
CA THR C 88 22.55 -6.14 12.46
C THR C 88 21.53 -7.02 11.80
N TRP C 89 20.34 -7.11 12.42
CA TRP C 89 19.23 -7.89 11.99
C TRP C 89 18.20 -6.89 11.55
N ARG C 90 17.87 -6.85 10.24
CA ARG C 90 16.80 -6.04 9.72
C ARG C 90 15.63 -6.95 9.56
N GLN C 91 14.51 -6.59 10.18
CA GLN C 91 13.31 -7.36 10.17
C GLN C 91 12.26 -6.40 9.78
N LYS C 92 11.50 -6.71 8.72
CA LYS C 92 10.40 -5.89 8.30
C LYS C 92 9.19 -6.32 9.08
N LEU C 93 8.53 -5.32 9.70
CA LEU C 93 7.41 -5.51 10.55
C LEU C 93 6.21 -5.23 9.73
N THR C 94 5.10 -5.92 10.04
CA THR C 94 3.87 -5.78 9.32
C THR C 94 2.83 -6.29 10.26
N PHE C 95 1.56 -6.02 9.91
CA PHE C 95 0.38 -6.44 10.61
C PHE C 95 0.26 -7.94 10.54
N PRO C 96 -0.21 -8.64 11.55
CA PRO C 96 -0.19 -10.08 11.56
C PRO C 96 -1.45 -10.58 10.93
N LYS C 97 -1.52 -11.89 10.67
CA LYS C 97 -2.69 -12.52 10.10
C LYS C 97 -3.14 -13.58 11.06
N GLU C 98 -2.77 -13.46 12.34
CA GLU C 98 -3.18 -14.35 13.38
C GLU C 98 -3.09 -13.54 14.62
N GLY C 99 -3.60 -14.08 15.74
CA GLY C 99 -3.69 -13.37 17.00
C GLY C 99 -4.84 -12.42 16.91
N HIS C 100 -4.86 -11.42 17.82
CA HIS C 100 -5.93 -10.47 17.90
C HIS C 100 -5.57 -9.26 17.09
N GLY C 101 -4.32 -9.22 16.60
CA GLY C 101 -3.75 -8.14 15.85
C GLY C 101 -4.36 -8.07 14.49
N MET C 102 -4.77 -9.22 13.93
CA MET C 102 -5.35 -9.38 12.62
C MET C 102 -6.66 -8.66 12.37
N LEU C 103 -7.16 -7.80 13.28
CA LEU C 103 -8.37 -7.06 13.09
C LEU C 103 -8.02 -5.82 12.34
N SER C 104 -6.72 -5.56 12.16
CA SER C 104 -6.18 -4.48 11.40
C SER C 104 -6.31 -4.76 9.93
N GLN C 105 -6.55 -6.03 9.56
CA GLN C 105 -6.75 -6.51 8.22
C GLN C 105 -8.05 -6.08 7.64
N PHE C 106 -8.88 -5.39 8.44
CA PHE C 106 -10.16 -4.88 8.04
C PHE C 106 -9.98 -3.47 7.59
N PHE C 107 -8.74 -2.95 7.54
CA PHE C 107 -8.46 -1.61 7.15
C PHE C 107 -7.44 -1.64 6.08
N ALA C 108 -7.31 -0.52 5.35
CA ALA C 108 -6.43 -0.41 4.25
C ALA C 108 -5.24 0.37 4.71
N TYR C 109 -5.44 1.43 5.52
CA TYR C 109 -4.38 2.34 5.89
C TYR C 109 -4.22 2.40 7.36
N PHE C 110 -3.11 3.03 7.81
CA PHE C 110 -2.74 3.13 9.19
C PHE C 110 -1.79 4.31 9.34
N THR C 111 -1.98 5.10 10.41
CA THR C 111 -1.12 6.19 10.80
C THR C 111 -1.02 6.08 12.28
N GLY C 112 0.18 6.10 12.89
CA GLY C 112 0.22 6.09 14.33
C GLY C 112 1.52 5.63 14.82
N GLU C 113 1.66 5.67 16.16
CA GLU C 113 2.82 5.18 16.85
C GLU C 113 2.64 3.71 17.03
N ILE C 114 3.76 2.97 17.14
CA ILE C 114 3.74 1.56 17.34
C ILE C 114 4.69 1.34 18.45
N ASN C 115 4.40 0.38 19.34
CA ASN C 115 5.28 0.03 20.42
C ASN C 115 5.91 -1.23 19.98
N ILE C 116 7.21 -1.39 20.26
CA ILE C 116 7.94 -2.59 19.97
C ILE C 116 8.39 -3.04 21.31
N HIS C 117 8.30 -4.34 21.60
CA HIS C 117 8.59 -4.96 22.85
C HIS C 117 9.60 -5.98 22.47
N ILE C 118 10.80 -5.88 23.05
CA ILE C 118 11.91 -6.72 22.72
C ILE C 118 12.30 -7.43 23.98
N LEU C 119 12.44 -8.77 23.94
CA LEU C 119 12.90 -9.58 25.04
C LEU C 119 14.26 -10.05 24.66
N TYR C 120 15.33 -9.40 25.16
CA TYR C 120 16.68 -9.81 24.85
C TYR C 120 17.12 -10.88 25.81
N MET C 121 17.44 -12.10 25.32
CA MET C 121 17.89 -13.18 26.15
C MET C 121 19.33 -13.40 25.86
N ALA C 122 20.20 -12.96 26.78
CA ALA C 122 21.62 -13.10 26.63
C ALA C 122 22.19 -13.32 27.98
N LYS C 123 23.46 -13.74 28.04
CA LYS C 123 24.14 -13.99 29.28
C LYS C 123 24.93 -12.76 29.61
N GLN C 124 25.46 -12.06 28.58
CA GLN C 124 26.17 -10.83 28.71
C GLN C 124 25.93 -10.10 27.42
N GLY C 125 26.16 -8.77 27.41
CA GLY C 125 26.00 -7.97 26.23
C GLY C 125 24.87 -7.03 26.38
N PHE C 126 24.55 -6.33 25.28
CA PHE C 126 23.53 -5.33 25.20
C PHE C 126 23.01 -5.47 23.82
N LEU C 127 21.76 -5.07 23.56
CA LEU C 127 21.17 -5.17 22.26
C LEU C 127 20.77 -3.79 21.90
N ARG C 128 21.17 -3.31 20.70
CA ARG C 128 20.91 -1.97 20.27
C ARG C 128 19.78 -1.99 19.30
N VAL C 129 18.58 -1.65 19.78
CA VAL C 129 17.38 -1.64 18.99
C VAL C 129 17.24 -0.27 18.38
N ALA C 130 16.65 -0.18 17.17
CA ALA C 130 16.40 1.05 16.48
C ALA C 130 15.35 0.72 15.48
N HIS C 131 14.52 1.71 15.11
CA HIS C 131 13.43 1.54 14.19
C HIS C 131 13.50 2.62 13.19
N THR C 132 13.27 2.28 11.90
CA THR C 132 13.24 3.25 10.84
C THR C 132 12.18 2.78 9.91
N TYR C 133 11.58 3.69 9.12
CA TYR C 133 10.64 3.34 8.08
C TYR C 133 11.31 3.48 6.76
N ASP C 134 12.60 3.94 6.75
CA ASP C 134 13.40 4.10 5.57
C ASP C 134 13.71 2.74 5.00
N THR C 135 13.39 2.55 3.70
CA THR C 135 13.59 1.33 2.98
C THR C 135 15.00 1.04 2.62
N GLU C 136 15.89 2.06 2.65
CA GLU C 136 17.28 1.87 2.34
C GLU C 136 18.00 1.15 3.45
N ASP C 137 18.53 -0.04 3.11
CA ASP C 137 19.16 -0.97 3.99
C ASP C 137 20.63 -0.73 3.91
N ASN C 138 21.05 0.48 4.30
CA ASN C 138 22.42 0.89 4.20
C ASN C 138 22.53 2.12 5.05
N ARG C 139 21.40 2.47 5.71
CA ARG C 139 21.28 3.52 6.68
C ARG C 139 21.39 2.91 8.04
N LYS C 140 21.54 1.57 8.12
CA LYS C 140 21.74 0.87 9.36
C LYS C 140 23.18 0.62 9.61
N THR C 141 24.08 1.04 8.69
CA THR C 141 25.51 0.90 8.85
C THR C 141 26.01 1.66 10.04
N PHE C 142 25.50 2.90 10.24
CA PHE C 142 25.80 3.69 11.40
C PHE C 142 24.45 3.73 12.05
N LEU C 143 24.24 2.79 12.99
CA LEU C 143 22.95 2.48 13.56
C LEU C 143 22.53 3.49 14.57
N SER C 144 23.49 4.19 15.18
CA SER C 144 23.35 5.10 16.27
C SER C 144 22.41 6.23 15.99
N SER C 145 22.36 6.70 14.73
CA SER C 145 21.66 7.89 14.34
C SER C 145 20.23 7.62 14.00
N ASN C 146 19.74 6.38 14.19
CA ASN C 146 18.36 6.04 13.96
C ASN C 146 17.63 6.06 15.26
N GLY C 147 18.37 6.24 16.38
CA GLY C 147 17.84 6.32 17.71
C GLY C 147 17.92 4.96 18.29
N VAL C 148 18.98 4.71 19.08
CA VAL C 148 19.28 3.44 19.67
C VAL C 148 18.83 3.42 21.09
N ILE C 149 18.30 2.25 21.51
CA ILE C 149 17.96 1.93 22.87
C ILE C 149 18.76 0.71 23.11
N THR C 150 19.59 0.72 24.17
CA THR C 150 20.42 -0.40 24.53
C THR C 150 19.70 -1.12 25.61
N ILE C 151 19.44 -2.43 25.41
CA ILE C 151 18.73 -3.27 26.32
C ILE C 151 19.79 -4.11 26.98
N PRO C 152 20.04 -4.08 28.28
CA PRO C 152 20.95 -4.96 28.99
C PRO C 152 20.62 -6.41 28.82
N ALA C 153 21.62 -7.31 28.82
CA ALA C 153 21.42 -8.73 28.62
C ALA C 153 20.49 -9.30 29.63
N GLY C 154 19.45 -9.99 29.14
CA GLY C 154 18.48 -10.64 29.97
C GLY C 154 17.36 -9.74 30.38
N GLU C 155 17.21 -8.56 29.75
CA GLU C 155 16.14 -7.65 30.07
C GLU C 155 15.29 -7.50 28.86
N GLN C 156 14.19 -6.75 29.00
CA GLN C 156 13.22 -6.53 27.99
C GLN C 156 12.87 -5.09 28.07
N MET C 157 12.38 -4.49 26.97
CA MET C 157 12.09 -3.08 26.95
C MET C 157 11.06 -2.79 25.92
N THR C 158 10.07 -1.93 26.25
CA THR C 158 9.06 -1.45 25.35
C THR C 158 9.43 -0.07 24.90
N LEU C 159 9.67 0.15 23.60
CA LEU C 159 9.99 1.45 23.06
C LEU C 159 8.88 1.84 22.13
N SER C 160 8.45 3.12 22.18
CA SER C 160 7.40 3.65 21.37
C SER C 160 8.06 4.34 20.22
N VAL C 161 7.77 3.88 19.01
CA VAL C 161 8.29 4.33 17.76
C VAL C 161 7.39 5.38 17.18
N PRO C 162 7.81 6.58 16.77
CA PRO C 162 6.93 7.60 16.25
C PRO C 162 6.72 7.36 14.79
N PHE C 163 5.77 8.09 14.16
CA PHE C 163 5.45 7.89 12.78
C PHE C 163 6.38 8.72 11.94
N TYR C 164 7.57 8.17 11.63
CA TYR C 164 8.59 8.82 10.85
C TYR C 164 8.63 8.19 9.50
N SER C 165 7.53 8.27 8.74
CA SER C 165 7.47 7.70 7.43
C SER C 165 7.14 8.77 6.46
N ASN C 166 7.74 8.64 5.26
CA ASN C 166 7.55 9.50 4.14
C ASN C 166 6.14 9.44 3.62
N LYS C 167 5.51 8.24 3.61
CA LYS C 167 4.13 8.12 3.21
C LYS C 167 3.26 8.57 4.35
N PRO C 168 2.21 9.34 4.19
CA PRO C 168 1.36 9.77 5.28
C PRO C 168 0.47 8.68 5.77
N LEU C 169 0.43 7.52 5.09
CA LEU C 169 -0.37 6.39 5.48
C LEU C 169 0.40 5.19 5.07
N ARG C 170 0.43 4.15 5.92
CA ARG C 170 1.06 2.90 5.61
C ARG C 170 -0.03 2.00 5.12
N THR C 171 0.22 1.21 4.06
CA THR C 171 -0.69 0.19 3.62
C THR C 171 -0.53 -0.98 4.52
N VAL C 172 -1.65 -1.51 5.08
CA VAL C 172 -1.70 -2.59 6.01
C VAL C 172 -1.18 -3.88 5.42
N ARG C 173 -1.50 -4.16 4.15
CA ARG C 173 -1.14 -5.36 3.48
C ARG C 173 0.30 -5.46 3.09
N HIS C 174 1.05 -4.33 3.00
CA HIS C 174 2.45 -4.32 2.67
C HIS C 174 3.28 -5.06 3.67
N ASP C 175 4.40 -5.65 3.23
CA ASP C 175 5.26 -6.49 4.02
C ASP C 175 6.12 -5.71 4.96
N SER C 176 6.22 -4.38 4.77
CA SER C 176 7.02 -3.53 5.61
C SER C 176 6.14 -2.38 5.97
N ALA C 177 4.87 -2.68 6.30
CA ALA C 177 3.88 -1.71 6.68
C ALA C 177 4.26 -0.96 7.92
N LEU C 178 4.83 -1.67 8.92
CA LEU C 178 5.20 -1.08 10.17
C LEU C 178 6.66 -0.75 10.17
N GLY C 179 7.34 -0.64 9.01
CA GLY C 179 8.72 -0.21 8.99
C GLY C 179 9.63 -1.36 9.25
N PHE C 180 10.90 -1.07 9.59
CA PHE C 180 11.91 -2.07 9.81
C PHE C 180 12.42 -1.87 11.18
N LEU C 181 12.96 -2.96 11.75
CA LEU C 181 13.49 -3.02 13.07
C LEU C 181 14.90 -3.44 12.91
N MET C 182 15.85 -2.74 13.54
CA MET C 182 17.25 -3.09 13.46
C MET C 182 17.69 -3.39 14.85
N CYS C 183 18.33 -4.56 15.04
CA CYS C 183 18.86 -4.93 16.31
C CYS C 183 20.24 -5.39 16.04
N ARG C 184 21.23 -4.82 16.76
CA ARG C 184 22.61 -5.13 16.59
C ARG C 184 23.10 -5.46 17.96
N PRO C 185 23.55 -6.66 18.30
CA PRO C 185 23.95 -6.94 19.66
C PRO C 185 25.38 -6.60 19.85
N SER C 186 25.74 -6.31 21.11
CA SER C 186 27.08 -6.11 21.58
C SER C 186 27.48 -7.43 22.16
N MET C 187 27.76 -8.41 21.27
CA MET C 187 28.06 -9.78 21.58
C MET C 187 29.24 -9.94 22.48
N HIS C 188 29.18 -10.96 23.36
CA HIS C 188 30.28 -11.36 24.18
C HIS C 188 30.68 -12.65 23.55
N GLY C 189 31.86 -12.67 22.90
CA GLY C 189 32.34 -13.82 22.15
C GLY C 189 31.41 -14.09 21.00
N THR C 190 31.14 -15.39 20.74
CA THR C 190 30.26 -15.82 19.68
C THR C 190 29.11 -16.57 20.30
N THR C 191 28.93 -16.44 21.64
CA THR C 191 27.86 -17.04 22.40
C THR C 191 26.55 -16.46 21.93
N ARG C 192 25.66 -17.27 21.33
CA ARG C 192 24.42 -16.81 20.76
C ARG C 192 23.48 -16.28 21.79
N THR C 193 22.59 -15.38 21.34
CA THR C 193 21.67 -14.66 22.15
C THR C 193 20.46 -14.57 21.26
N THR C 194 19.25 -14.56 21.86
CA THR C 194 17.99 -14.67 21.16
C THR C 194 17.25 -13.40 21.45
N VAL C 195 16.16 -13.13 20.70
CA VAL C 195 15.37 -11.96 20.90
C VAL C 195 14.03 -12.17 20.29
N GLU C 196 12.95 -12.03 21.09
CA GLU C 196 11.59 -12.15 20.63
C GLU C 196 11.02 -10.78 20.53
N VAL C 197 10.35 -10.44 19.40
CA VAL C 197 9.75 -9.15 19.18
C VAL C 197 8.27 -9.30 19.32
N TYR C 198 7.56 -8.31 19.89
CA TYR C 198 6.13 -8.25 19.98
C TYR C 198 5.78 -6.83 19.64
N VAL C 199 4.79 -6.56 18.77
CA VAL C 199 4.41 -5.22 18.38
C VAL C 199 3.03 -4.98 18.96
N SER C 200 2.61 -3.70 19.10
CA SER C 200 1.34 -3.26 19.60
C SER C 200 1.32 -1.85 19.13
N LEU C 201 0.14 -1.20 19.05
CA LEU C 201 0.03 0.12 18.48
C LEU C 201 -0.60 0.94 19.54
N ARG C 202 -0.03 2.12 19.85
CA ARG C 202 -0.65 3.04 20.77
C ARG C 202 -1.31 4.09 19.95
N CYS C 203 -2.63 4.28 20.15
CA CYS C 203 -3.49 5.19 19.43
C CYS C 203 -3.41 5.05 17.94
N PRO C 204 -3.90 4.00 17.33
CA PRO C 204 -3.77 3.84 15.90
C PRO C 204 -4.92 4.52 15.21
N ASN C 205 -4.65 5.10 14.03
CA ASN C 205 -5.63 5.75 13.22
C ASN C 205 -5.74 4.84 12.06
N PHE C 206 -6.88 4.15 11.92
CA PHE C 206 -7.13 3.20 10.87
C PHE C 206 -8.13 3.81 9.97
N PHE C 207 -7.98 3.66 8.64
CA PHE C 207 -8.90 4.26 7.72
C PHE C 207 -9.33 3.27 6.70
N PHE C 208 -10.52 3.54 6.14
CA PHE C 208 -11.11 2.90 4.99
C PHE C 208 -11.28 1.41 5.10
N PRO C 209 -12.38 0.86 5.62
CA PRO C 209 -12.59 -0.57 5.76
C PRO C 209 -12.52 -1.32 4.46
N VAL C 210 -11.97 -2.55 4.46
CA VAL C 210 -11.75 -3.35 3.30
C VAL C 210 -12.26 -4.71 3.65
N PRO C 211 -12.50 -5.63 2.71
CA PRO C 211 -13.01 -6.96 2.95
C PRO C 211 -12.17 -7.77 3.90
N ALA C 212 -12.81 -8.73 4.58
CA ALA C 212 -12.19 -9.67 5.47
C ALA C 212 -11.30 -10.59 4.68
N PRO C 213 -10.15 -11.03 5.15
CA PRO C 213 -9.34 -11.98 4.43
C PRO C 213 -9.92 -13.33 4.68
N LYS C 214 -9.70 -14.30 3.78
CA LYS C 214 -10.24 -15.62 3.87
C LYS C 214 -9.29 -16.43 4.71
N PRO C 215 -9.68 -17.42 5.49
CA PRO C 215 -8.79 -18.23 6.30
C PRO C 215 -7.80 -18.99 5.46
N THR C 216 -6.66 -19.40 6.04
CA THR C 216 -5.62 -20.16 5.39
C THR C 216 -6.19 -21.50 5.01
N GLY C 217 -5.86 -21.97 3.79
CA GLY C 217 -6.41 -23.18 3.23
C GLY C 217 -7.27 -22.68 2.13
N SER C 218 -8.60 -22.92 2.24
CA SER C 218 -9.63 -22.45 1.33
C SER C 218 -9.55 -23.06 -0.04
N ARG C 219 -8.69 -22.48 -0.89
CA ARG C 219 -8.48 -22.87 -2.27
C ARG C 219 -7.60 -24.13 -2.26
N LEU D 16 12.73 25.14 66.68
CA LEU D 16 14.18 25.07 66.95
C LEU D 16 14.88 24.56 65.73
N THR D 17 15.47 23.35 65.82
CA THR D 17 16.18 22.66 64.76
C THR D 17 15.24 22.29 63.65
N ALA D 18 15.73 22.28 62.38
CA ALA D 18 14.91 22.09 61.21
C ALA D 18 15.38 20.92 60.40
N SER D 19 16.36 21.15 59.50
CA SER D 19 17.02 20.16 58.67
C SER D 19 18.42 20.03 59.22
N THR D 20 18.63 20.59 60.43
CA THR D 20 19.83 20.49 61.18
C THR D 20 19.59 19.46 62.25
N LYS D 21 18.41 18.83 62.26
CA LYS D 21 18.06 17.82 63.21
C LYS D 21 18.39 16.49 62.64
N TYR D 22 18.11 16.29 61.34
CA TYR D 22 18.36 15.06 60.65
C TYR D 22 19.19 15.37 59.48
N LYS D 23 20.05 14.41 59.07
CA LYS D 23 20.86 14.53 57.88
C LYS D 23 19.91 14.31 56.75
N TRP D 24 19.78 15.31 55.86
CA TRP D 24 18.98 15.21 54.68
C TRP D 24 19.42 14.10 53.78
N THR D 25 18.45 13.32 53.28
CA THR D 25 18.67 12.22 52.41
C THR D 25 17.55 12.29 51.44
N ARG D 26 17.80 11.82 50.21
CA ARG D 26 16.81 11.69 49.17
C ARG D 26 15.85 10.59 49.49
N THR D 27 14.60 10.69 48.99
CA THR D 27 13.52 9.77 49.30
C THR D 27 13.85 8.35 48.93
N LYS D 28 13.44 7.42 49.80
CA LYS D 28 13.69 6.02 49.63
C LYS D 28 12.34 5.43 49.46
N VAL D 29 12.21 4.54 48.45
CA VAL D 29 10.97 3.92 48.10
C VAL D 29 11.26 2.46 48.04
N ASP D 30 10.19 1.64 48.16
CA ASP D 30 10.26 0.21 48.04
C ASP D 30 9.84 -0.08 46.64
N ILE D 31 10.36 -1.18 46.06
CA ILE D 31 10.05 -1.57 44.72
C ILE D 31 9.21 -2.80 44.86
N ALA D 32 8.04 -2.80 44.19
CA ALA D 32 7.08 -3.87 44.15
C ALA D 32 7.63 -5.08 43.46
N GLU D 33 6.85 -6.18 43.47
CA GLU D 33 7.22 -7.45 42.91
C GLU D 33 7.48 -7.36 41.43
N GLY D 34 8.48 -8.14 40.96
CA GLY D 34 8.83 -8.26 39.57
C GLY D 34 9.26 -6.97 38.90
N PRO D 35 10.31 -6.28 39.28
CA PRO D 35 10.77 -5.10 38.59
C PRO D 35 11.26 -5.45 37.21
N GLY D 36 10.89 -4.65 36.20
CA GLY D 36 11.31 -4.88 34.84
C GLY D 36 10.55 -6.00 34.19
N THR D 37 9.31 -6.25 34.67
CA THR D 37 8.41 -7.19 34.09
C THR D 37 7.65 -6.41 33.08
N MET D 38 7.38 -7.01 31.92
CA MET D 38 6.74 -6.34 30.83
C MET D 38 5.36 -6.85 30.75
N ASN D 39 4.41 -5.94 31.02
CA ASN D 39 3.01 -6.19 30.96
C ASN D 39 2.63 -5.60 29.66
N MET D 40 2.22 -6.46 28.72
CA MET D 40 1.87 -6.06 27.40
C MET D 40 0.61 -6.76 27.08
N ALA D 41 -0.32 -6.70 28.04
CA ALA D 41 -1.63 -7.24 27.95
C ALA D 41 -2.58 -6.17 28.35
N ASN D 42 -2.06 -5.06 28.90
CA ASN D 42 -2.85 -3.97 29.38
C ASN D 42 -2.43 -2.79 28.58
N VAL D 43 -3.42 -2.05 28.07
CA VAL D 43 -3.28 -0.93 27.19
C VAL D 43 -2.70 0.25 27.92
N LEU D 44 -2.96 0.36 29.23
CA LEU D 44 -2.42 1.44 30.03
C LEU D 44 -0.99 1.21 30.38
N SER D 45 -0.46 -0.02 30.18
CA SER D 45 0.91 -0.31 30.43
C SER D 45 1.77 -0.01 29.24
N THR D 46 1.17 0.12 28.03
CA THR D 46 1.94 0.21 26.80
C THR D 46 1.82 1.55 26.18
N THR D 47 0.91 2.42 26.68
CA THR D 47 0.77 3.78 26.18
C THR D 47 1.80 4.67 26.82
N GLY D 48 2.42 4.20 27.93
CA GLY D 48 3.36 4.94 28.72
C GLY D 48 4.78 4.64 28.37
N ALA D 49 5.03 3.79 27.37
CA ALA D 49 6.34 3.36 26.94
C ALA D 49 7.19 4.52 26.49
N GLN D 50 8.52 4.47 26.77
CA GLN D 50 9.47 5.52 26.45
C GLN D 50 9.62 5.63 24.97
N SER D 51 9.67 6.85 24.43
CA SER D 51 9.70 7.08 23.01
C SER D 51 11.11 7.13 22.51
N VAL D 52 11.35 6.63 21.27
CA VAL D 52 12.62 6.70 20.60
C VAL D 52 12.57 7.81 19.60
N ALA D 53 11.51 8.65 19.67
CA ALA D 53 11.39 9.86 18.90
C ALA D 53 12.42 10.82 19.38
N LEU D 54 12.89 11.69 18.47
CA LEU D 54 13.98 12.59 18.70
C LEU D 54 13.73 13.54 19.82
N VAL D 55 12.52 14.13 19.90
CA VAL D 55 12.18 15.06 20.94
C VAL D 55 11.00 14.49 21.70
N GLY D 56 10.59 13.23 21.41
CA GLY D 56 9.48 12.60 22.09
C GLY D 56 8.17 13.07 21.54
N GLU D 57 8.18 13.66 20.33
CA GLU D 57 7.06 14.34 19.75
C GLU D 57 6.18 13.39 19.00
N ARG D 58 5.05 13.93 18.49
CA ARG D 58 4.05 13.20 17.77
C ARG D 58 3.90 13.86 16.46
N ALA D 59 3.32 13.15 15.48
CA ALA D 59 3.12 13.63 14.14
C ALA D 59 1.71 14.08 14.01
N PHE D 60 1.44 14.94 13.00
CA PHE D 60 0.12 15.35 12.62
C PHE D 60 -0.28 14.40 11.55
N TYR D 61 -1.42 13.71 11.74
CA TYR D 61 -1.89 12.67 10.87
C TYR D 61 -2.71 13.31 9.80
N ASP D 62 -2.81 12.65 8.63
CA ASP D 62 -3.62 13.12 7.53
C ASP D 62 -4.69 12.11 7.27
N PRO D 63 -5.96 12.40 7.52
CA PRO D 63 -7.03 11.44 7.28
C PRO D 63 -7.65 11.71 5.95
N ARG D 64 -7.41 12.88 5.31
CA ARG D 64 -8.02 13.27 4.07
C ARG D 64 -7.38 12.57 2.91
N THR D 65 -6.18 12.01 3.10
CA THR D 65 -5.49 11.26 2.08
C THR D 65 -6.12 9.91 1.93
N ALA D 66 -6.79 9.40 2.99
CA ALA D 66 -7.55 8.19 2.94
C ALA D 66 -8.99 8.49 2.65
N GLY D 67 -9.33 9.77 2.42
CA GLY D 67 -10.65 10.22 2.04
C GLY D 67 -11.63 10.14 3.15
N SER D 68 -11.20 10.47 4.39
CA SER D 68 -12.01 10.36 5.57
C SER D 68 -11.85 11.64 6.32
N LYS D 69 -12.77 11.92 7.25
CA LYS D 69 -12.71 13.09 8.07
C LYS D 69 -12.26 12.70 9.44
N SER D 70 -12.22 11.40 9.75
CA SER D 70 -11.77 10.97 11.04
C SER D 70 -11.41 9.53 10.93
N ARG D 71 -10.67 9.03 11.94
CA ARG D 71 -10.22 7.68 12.04
C ARG D 71 -11.35 6.81 12.47
N PHE D 72 -11.21 5.49 12.23
CA PHE D 72 -12.16 4.49 12.61
C PHE D 72 -11.83 4.19 14.05
N ASP D 73 -12.81 4.36 14.96
CA ASP D 73 -12.56 4.32 16.38
C ASP D 73 -13.19 3.18 17.12
N ASP D 74 -14.00 2.31 16.48
CA ASP D 74 -14.57 1.19 17.18
C ASP D 74 -14.72 0.10 16.17
N MET D 75 -14.26 -1.11 16.54
CA MET D 75 -14.26 -2.30 15.73
C MET D 75 -15.60 -2.91 15.59
N ILE D 76 -16.54 -2.56 16.48
CA ILE D 76 -17.86 -3.13 16.50
C ILE D 76 -18.68 -2.66 15.33
N LYS D 77 -18.23 -1.60 14.63
CA LYS D 77 -18.90 -1.08 13.48
C LYS D 77 -18.69 -1.94 12.28
N ILE D 78 -17.69 -2.84 12.28
CA ILE D 78 -17.40 -3.73 11.19
C ILE D 78 -18.12 -5.03 11.41
N ALA D 79 -18.52 -5.32 12.67
CA ALA D 79 -19.32 -6.47 12.98
C ALA D 79 -20.75 -6.21 12.62
N GLN D 80 -21.08 -4.92 12.41
CA GLN D 80 -22.36 -4.40 12.07
C GLN D 80 -22.45 -4.11 10.61
N LEU D 81 -21.68 -4.82 9.78
CA LEU D 81 -21.77 -4.73 8.35
C LEU D 81 -22.11 -6.11 7.90
N PHE D 82 -23.07 -6.22 6.94
CA PHE D 82 -23.53 -7.48 6.39
C PHE D 82 -22.43 -8.18 5.66
N SER D 83 -22.44 -9.52 5.73
CA SER D 83 -21.50 -10.33 5.03
C SER D 83 -22.16 -11.63 4.78
N VAL D 84 -22.06 -12.14 3.54
CA VAL D 84 -22.72 -13.33 3.06
C VAL D 84 -22.33 -14.53 3.86
N MET D 85 -23.37 -15.23 4.40
CA MET D 85 -23.25 -16.47 5.13
C MET D 85 -22.80 -17.50 4.15
N SER D 86 -21.60 -18.07 4.36
CA SER D 86 -20.98 -19.08 3.54
C SER D 86 -21.16 -18.93 2.06
N ASP D 87 -20.45 -17.96 1.44
CA ASP D 87 -20.51 -17.66 0.04
C ASP D 87 -20.08 -18.84 -0.79
N ASN D 88 -20.62 -18.95 -2.01
CA ASN D 88 -20.29 -20.02 -2.91
C ASN D 88 -20.41 -19.38 -4.26
N THR D 89 -19.93 -20.05 -5.32
CA THR D 89 -19.96 -19.52 -6.66
C THR D 89 -21.11 -20.15 -7.40
N THR D 90 -21.75 -21.19 -6.83
CA THR D 90 -22.86 -21.87 -7.46
C THR D 90 -23.91 -22.04 -6.41
N PRO D 91 -25.20 -21.99 -6.71
CA PRO D 91 -26.26 -22.14 -5.73
C PRO D 91 -26.23 -23.53 -5.16
N SER D 92 -26.82 -23.76 -3.96
CA SER D 92 -26.81 -25.02 -3.27
C SER D 92 -27.41 -26.11 -4.10
N SER D 93 -26.77 -27.30 -4.09
CA SER D 93 -27.18 -28.43 -4.86
C SER D 93 -27.64 -29.53 -3.96
N SER D 94 -27.77 -29.25 -2.64
CA SER D 94 -28.25 -30.18 -1.66
C SER D 94 -29.69 -29.87 -1.38
N SER D 95 -30.26 -28.90 -2.13
CA SER D 95 -31.57 -28.34 -2.00
C SER D 95 -31.59 -27.35 -0.89
N GLY D 96 -30.40 -26.79 -0.56
CA GLY D 96 -30.23 -25.76 0.43
C GLY D 96 -30.02 -26.34 1.79
N ILE D 97 -29.85 -27.68 1.89
CA ILE D 97 -29.69 -28.34 3.16
C ILE D 97 -28.21 -28.51 3.34
N ASP D 98 -27.53 -27.35 3.45
CA ASP D 98 -26.11 -27.24 3.56
C ASP D 98 -25.87 -25.85 4.06
N LYS D 99 -24.62 -25.52 4.44
CA LYS D 99 -24.31 -24.27 5.06
C LYS D 99 -24.38 -23.07 4.16
N TYR D 100 -24.30 -23.25 2.83
CA TYR D 100 -24.19 -22.18 1.87
C TYR D 100 -25.41 -21.32 1.86
N GLY D 101 -25.21 -20.00 2.08
CA GLY D 101 -26.26 -19.02 2.13
C GLY D 101 -26.36 -18.41 0.79
N TYR D 102 -26.56 -19.26 -0.23
CA TYR D 102 -26.71 -18.88 -1.58
C TYR D 102 -27.35 -20.11 -2.15
N PHE D 103 -28.66 -20.18 -1.99
CA PHE D 103 -29.50 -21.28 -2.36
C PHE D 103 -30.34 -20.74 -3.46
N ASP D 104 -31.16 -21.58 -4.13
CA ASP D 104 -32.11 -21.06 -5.07
C ASP D 104 -33.43 -21.68 -4.74
N TRP D 105 -34.49 -20.94 -5.08
CA TRP D 105 -35.86 -21.23 -4.81
C TRP D 105 -36.51 -21.56 -6.11
N ALA D 106 -36.77 -22.86 -6.39
CA ALA D 106 -37.43 -23.22 -7.61
C ALA D 106 -38.91 -23.12 -7.40
N ALA D 107 -39.69 -23.24 -8.49
CA ALA D 107 -41.11 -23.08 -8.46
C ALA D 107 -41.75 -24.42 -8.33
N THR D 108 -40.93 -25.48 -8.27
CA THR D 108 -41.37 -26.84 -8.15
C THR D 108 -41.32 -27.26 -6.71
N VAL D 109 -40.91 -26.35 -5.80
CA VAL D 109 -40.85 -26.60 -4.39
C VAL D 109 -42.22 -26.28 -3.87
N ALA D 110 -42.88 -27.28 -3.25
CA ALA D 110 -44.24 -27.16 -2.77
C ALA D 110 -44.21 -26.58 -1.39
N PRO D 111 -45.26 -25.92 -0.90
CA PRO D 111 -45.31 -25.34 0.43
C PRO D 111 -44.96 -26.28 1.56
N GLN D 112 -44.28 -25.74 2.58
CA GLN D 112 -43.80 -26.42 3.76
C GLN D 112 -42.67 -27.34 3.44
N ASN D 113 -41.84 -26.95 2.46
CA ASN D 113 -40.66 -27.67 2.08
C ASN D 113 -39.62 -26.61 2.18
N MET D 114 -38.47 -26.93 2.77
CA MET D 114 -37.42 -26.00 3.01
C MET D 114 -36.67 -25.77 1.75
N VAL D 115 -36.25 -24.51 1.52
CA VAL D 115 -35.39 -24.16 0.43
C VAL D 115 -34.03 -23.88 0.99
N HIS D 116 -33.90 -23.87 2.33
CA HIS D 116 -32.65 -23.67 2.98
C HIS D 116 -32.82 -24.10 4.40
N ARG D 117 -31.74 -24.62 5.02
CA ARG D 117 -31.76 -25.03 6.38
C ARG D 117 -30.37 -25.35 6.80
N ASN D 118 -29.84 -24.65 7.83
CA ASN D 118 -28.53 -24.94 8.33
C ASN D 118 -28.49 -24.47 9.75
N VAL D 119 -27.58 -25.07 10.56
CA VAL D 119 -27.31 -24.66 11.91
C VAL D 119 -26.24 -23.58 11.87
N VAL D 120 -26.67 -22.32 11.97
CA VAL D 120 -25.90 -21.09 11.89
C VAL D 120 -24.84 -20.98 12.95
N THR D 121 -23.56 -21.02 12.54
CA THR D 121 -22.43 -20.83 13.41
C THR D 121 -21.95 -19.43 13.10
N LEU D 122 -21.16 -18.82 13.99
CA LEU D 122 -20.72 -17.44 13.88
C LEU D 122 -19.60 -17.28 12.89
N ASP D 123 -18.94 -18.39 12.49
CA ASP D 123 -17.79 -18.33 11.63
C ASP D 123 -18.16 -18.51 10.19
N GLN D 124 -19.46 -18.56 9.87
CA GLN D 124 -19.93 -18.69 8.52
C GLN D 124 -19.94 -17.37 7.81
N PHE D 125 -20.05 -16.27 8.56
CA PHE D 125 -20.04 -14.93 8.04
C PHE D 125 -18.61 -14.53 8.03
N PRO D 126 -18.00 -14.02 6.96
CA PRO D 126 -16.57 -13.78 6.93
C PRO D 126 -16.15 -12.62 7.77
N ASN D 127 -17.00 -11.60 8.01
CA ASN D 127 -16.66 -10.52 8.89
C ASN D 127 -16.56 -11.00 10.29
N LEU D 128 -17.49 -11.88 10.73
CA LEU D 128 -17.55 -12.34 12.09
C LEU D 128 -16.70 -13.56 12.29
N ASN D 129 -15.98 -14.01 11.25
CA ASN D 129 -15.04 -15.08 11.34
C ASN D 129 -13.77 -14.56 11.95
N LEU D 130 -13.48 -13.25 11.80
CA LEU D 130 -12.31 -12.66 12.39
C LEU D 130 -12.54 -12.23 13.80
N PHE D 131 -13.79 -12.11 14.28
CA PHE D 131 -14.03 -11.74 15.64
C PHE D 131 -14.23 -12.97 16.47
N MET D 132 -14.27 -14.18 15.85
CA MET D 132 -14.44 -15.40 16.59
C MET D 132 -13.07 -15.98 16.77
N ASN D 133 -12.06 -15.38 16.11
CA ASN D 133 -10.69 -15.77 16.17
C ASN D 133 -9.91 -14.70 16.83
N THR D 134 -10.58 -13.66 17.35
CA THR D 134 -9.91 -12.61 18.05
C THR D 134 -10.48 -12.54 19.40
N TYR D 135 -11.82 -12.57 19.54
CA TYR D 135 -12.48 -12.48 20.81
C TYR D 135 -12.96 -13.82 21.21
N SER D 136 -13.07 -14.04 22.52
CA SER D 136 -13.45 -15.28 23.10
C SER D 136 -14.94 -15.34 23.26
N TYR D 137 -15.57 -14.24 23.74
CA TYR D 137 -16.98 -14.19 24.04
C TYR D 137 -17.59 -13.07 23.28
N PHE D 138 -18.92 -13.06 23.15
CA PHE D 138 -19.66 -12.01 22.48
C PHE D 138 -21.06 -12.07 23.04
N ARG D 139 -21.83 -11.00 22.82
CA ARG D 139 -23.22 -10.94 23.16
C ARG D 139 -23.77 -9.96 22.20
N GLY D 140 -25.00 -10.17 21.71
CA GLY D 140 -25.62 -9.25 20.80
C GLY D 140 -26.52 -10.01 19.91
N SER D 141 -27.49 -9.29 19.32
CA SER D 141 -28.47 -9.84 18.41
C SER D 141 -27.84 -10.10 17.08
N LEU D 142 -28.44 -10.97 16.26
CA LEU D 142 -27.92 -11.31 14.98
C LEU D 142 -29.02 -10.87 14.06
N ILE D 143 -28.68 -10.16 12.97
CA ILE D 143 -29.63 -9.72 11.99
C ILE D 143 -29.29 -10.56 10.80
N ILE D 144 -30.18 -11.45 10.34
CA ILE D 144 -30.02 -12.21 9.14
C ILE D 144 -30.81 -11.47 8.12
N ARG D 145 -30.27 -11.21 6.92
CA ARG D 145 -31.01 -10.60 5.85
C ARG D 145 -31.06 -11.61 4.77
N LEU D 146 -32.21 -11.72 4.09
CA LEU D 146 -32.44 -12.66 3.04
C LEU D 146 -32.88 -11.83 1.90
N SER D 147 -32.04 -11.70 0.86
CA SER D 147 -32.34 -10.93 -0.29
C SER D 147 -32.71 -11.87 -1.38
N ILE D 148 -33.97 -11.84 -1.83
CA ILE D 148 -34.50 -12.66 -2.88
C ILE D 148 -34.39 -11.90 -4.17
N TYR D 149 -33.64 -12.43 -5.15
CA TYR D 149 -33.40 -11.80 -6.42
C TYR D 149 -34.32 -12.39 -7.43
N ALA D 150 -35.58 -11.94 -7.39
CA ALA D 150 -36.65 -12.36 -8.25
C ALA D 150 -36.94 -11.24 -9.17
N SER D 151 -37.69 -11.51 -10.25
CA SER D 151 -38.10 -10.51 -11.21
C SER D 151 -39.39 -9.91 -10.73
N THR D 152 -39.90 -8.93 -11.48
CA THR D 152 -41.08 -8.17 -11.13
C THR D 152 -42.36 -8.93 -11.38
N PHE D 153 -42.32 -10.08 -12.09
CA PHE D 153 -43.52 -10.81 -12.40
C PHE D 153 -43.66 -12.00 -11.50
N ASN D 154 -42.60 -12.37 -10.75
CA ASN D 154 -42.64 -13.46 -9.80
C ASN D 154 -43.38 -13.03 -8.59
N ARG D 155 -43.99 -13.99 -7.88
CA ARG D 155 -44.78 -13.65 -6.73
C ARG D 155 -44.78 -14.93 -5.95
N GLY D 156 -44.11 -14.91 -4.79
CA GLY D 156 -43.98 -16.04 -3.92
C GLY D 156 -44.09 -15.55 -2.52
N ARG D 157 -43.80 -16.43 -1.55
CA ARG D 157 -43.85 -16.10 -0.16
C ARG D 157 -42.99 -17.11 0.51
N LEU D 158 -41.89 -16.70 1.18
CA LEU D 158 -41.05 -17.56 1.97
C LEU D 158 -41.32 -17.23 3.40
N ARG D 159 -40.89 -18.09 4.36
CA ARG D 159 -41.03 -17.86 5.76
C ARG D 159 -39.77 -18.29 6.43
N MET D 160 -38.79 -17.40 6.58
CA MET D 160 -37.55 -17.72 7.24
C MET D 160 -37.70 -17.64 8.74
N GLY D 161 -37.44 -18.74 9.48
CA GLY D 161 -37.53 -18.75 10.93
C GLY D 161 -36.22 -19.14 11.50
N PHE D 162 -36.06 -18.92 12.82
CA PHE D 162 -34.83 -19.16 13.51
C PHE D 162 -35.14 -19.68 14.87
N PHE D 163 -34.74 -20.92 15.20
CA PHE D 163 -34.87 -21.48 16.53
C PHE D 163 -33.59 -21.24 17.25
N PRO D 164 -33.40 -20.31 18.20
CA PRO D 164 -32.11 -20.05 18.83
C PRO D 164 -31.61 -21.23 19.58
N ASN D 165 -30.28 -21.48 19.55
CA ASN D 165 -29.58 -22.52 20.26
C ASN D 165 -30.07 -23.90 19.93
N CYS D 166 -30.55 -24.11 18.70
CA CYS D 166 -31.11 -25.37 18.30
C CYS D 166 -30.17 -25.86 17.27
N THR D 167 -29.74 -27.12 17.41
CA THR D 167 -28.74 -27.71 16.58
C THR D 167 -29.33 -28.95 15.97
N HIS D 168 -30.67 -29.10 16.04
CA HIS D 168 -31.36 -30.26 15.54
C HIS D 168 -31.64 -29.99 14.10
N ASP D 169 -30.76 -30.50 13.22
CA ASP D 169 -30.80 -30.24 11.82
C ASP D 169 -31.67 -31.26 11.16
N THR D 170 -32.97 -30.93 11.05
CA THR D 170 -33.96 -31.71 10.38
C THR D 170 -35.05 -30.71 10.16
N GLN D 171 -36.06 -31.05 9.33
CA GLN D 171 -37.13 -30.14 9.01
C GLN D 171 -38.04 -30.03 10.20
N LEU D 172 -38.16 -28.82 10.78
CA LEU D 172 -38.99 -28.56 11.93
C LEU D 172 -39.96 -27.51 11.51
N GLU D 173 -41.20 -27.57 12.03
CA GLU D 173 -42.21 -26.57 11.80
C GLU D 173 -41.81 -25.30 12.49
N LEU D 174 -42.02 -24.15 11.83
CA LEU D 174 -41.51 -22.88 12.26
C LEU D 174 -42.55 -22.07 12.94
N ASP D 175 -43.63 -22.70 13.47
CA ASP D 175 -44.71 -21.96 14.08
C ASP D 175 -44.33 -21.37 15.40
N ASN D 176 -43.33 -21.95 16.09
CA ASN D 176 -42.89 -21.48 17.39
C ASN D 176 -41.59 -20.74 17.25
N ALA D 177 -41.02 -20.64 16.04
CA ALA D 177 -39.77 -19.98 15.75
C ALA D 177 -39.92 -18.49 15.81
N ILE D 178 -38.80 -17.77 15.59
CA ILE D 178 -38.72 -16.34 15.49
C ILE D 178 -38.64 -16.10 14.02
N TYR D 179 -39.80 -16.13 13.32
CA TYR D 179 -39.83 -16.07 11.89
C TYR D 179 -40.25 -14.74 11.38
N THR D 180 -40.08 -14.57 10.06
CA THR D 180 -40.49 -13.41 9.30
C THR D 180 -41.07 -14.01 8.07
N ILE D 181 -42.24 -13.51 7.62
CA ILE D 181 -42.86 -13.93 6.39
C ILE D 181 -42.46 -12.89 5.38
N CYS D 182 -41.85 -13.34 4.27
CA CYS D 182 -41.29 -12.50 3.25
C CYS D 182 -42.20 -12.59 2.06
N ASP D 183 -42.64 -11.45 1.51
CA ASP D 183 -43.48 -11.39 0.35
C ASP D 183 -42.69 -10.71 -0.72
N ILE D 184 -42.26 -11.39 -1.80
CA ILE D 184 -41.48 -10.73 -2.83
C ILE D 184 -42.30 -9.72 -3.59
N GLY D 185 -41.68 -8.55 -3.84
CA GLY D 185 -42.33 -7.43 -4.46
C GLY D 185 -41.23 -6.54 -4.93
N SER D 186 -41.25 -5.24 -4.55
CA SER D 186 -40.26 -4.27 -4.97
C SER D 186 -39.23 -3.99 -3.90
N ASP D 187 -39.41 -4.54 -2.68
CA ASP D 187 -38.43 -4.49 -1.63
C ASP D 187 -38.16 -5.93 -1.45
N ASN D 188 -36.90 -6.29 -1.66
CA ASN D 188 -36.51 -7.65 -1.84
C ASN D 188 -35.54 -8.09 -0.80
N SER D 189 -35.42 -7.41 0.34
CA SER D 189 -34.49 -7.78 1.37
C SER D 189 -35.26 -7.72 2.64
N PHE D 190 -35.28 -8.86 3.35
CA PHE D 190 -36.10 -9.09 4.49
C PHE D 190 -35.20 -9.41 5.63
N GLU D 191 -35.13 -8.53 6.64
CA GLU D 191 -34.29 -8.71 7.79
C GLU D 191 -35.05 -9.49 8.84
N LEU D 192 -34.36 -10.35 9.59
CA LEU D 192 -34.86 -11.12 10.70
C LEU D 192 -33.94 -10.85 11.85
N THR D 193 -34.41 -10.12 12.87
CA THR D 193 -33.65 -9.86 14.06
C THR D 193 -33.91 -10.96 15.02
N ILE D 194 -32.85 -11.59 15.54
CA ILE D 194 -32.93 -12.64 16.50
C ILE D 194 -32.32 -12.02 17.72
N PRO D 195 -32.97 -11.84 18.86
CA PRO D 195 -32.40 -11.19 20.02
C PRO D 195 -31.29 -12.03 20.59
N TYR D 196 -30.46 -11.46 21.48
CA TYR D 196 -29.44 -12.21 22.17
C TYR D 196 -30.12 -13.21 23.07
N SER D 197 -29.89 -14.51 22.84
CA SER D 197 -30.52 -15.54 23.62
C SER D 197 -29.46 -16.51 24.00
N PHE D 198 -29.11 -16.59 25.29
CA PHE D 198 -28.19 -17.58 25.75
C PHE D 198 -28.37 -17.58 27.24
N SER D 199 -27.72 -18.53 27.93
CA SER D 199 -27.95 -18.78 29.33
C SER D 199 -27.01 -18.02 30.21
N THR D 200 -26.01 -17.32 29.62
CA THR D 200 -25.04 -16.57 30.36
C THR D 200 -25.04 -15.23 29.73
N TRP D 201 -24.30 -14.29 30.32
CA TRP D 201 -24.26 -12.91 29.94
C TRP D 201 -23.47 -12.68 28.68
N MET D 202 -22.59 -13.61 28.29
CA MET D 202 -21.84 -13.54 27.07
C MET D 202 -21.53 -14.95 26.74
N ARG D 203 -21.86 -15.37 25.51
CA ARG D 203 -21.62 -16.69 25.01
C ARG D 203 -20.29 -16.75 24.34
N LYS D 204 -19.74 -17.96 24.11
CA LYS D 204 -18.53 -18.15 23.35
C LYS D 204 -18.76 -17.92 21.89
N THR D 205 -17.72 -17.43 21.20
CA THR D 205 -17.73 -17.13 19.79
C THR D 205 -17.42 -18.38 19.02
N HIS D 206 -16.80 -19.37 19.68
CA HIS D 206 -16.48 -20.64 19.09
C HIS D 206 -16.88 -21.62 20.12
N GLY D 207 -18.19 -21.83 20.25
CA GLY D 207 -18.74 -22.72 21.22
C GLY D 207 -19.97 -23.22 20.58
N HIS D 208 -21.09 -23.17 21.33
CA HIS D 208 -22.39 -23.60 20.91
C HIS D 208 -22.86 -22.76 19.75
N GLN D 209 -23.55 -23.37 18.80
CA GLN D 209 -24.03 -22.74 17.59
C GLN D 209 -25.18 -21.83 17.90
N LEU D 210 -25.33 -20.77 17.09
CA LEU D 210 -26.29 -19.72 17.31
C LEU D 210 -27.71 -20.17 17.22
N GLY D 211 -28.04 -21.15 16.37
CA GLY D 211 -29.39 -21.63 16.26
C GLY D 211 -29.57 -22.23 14.93
N LEU D 212 -30.83 -22.62 14.62
CA LEU D 212 -31.19 -23.33 13.42
C LEU D 212 -32.03 -22.42 12.59
N PHE D 213 -31.47 -21.97 11.46
CA PHE D 213 -32.09 -21.11 10.49
C PHE D 213 -32.71 -22.01 9.46
N GLN D 214 -33.89 -21.69 8.92
CA GLN D 214 -34.56 -22.51 7.95
C GLN D 214 -35.42 -21.58 7.20
N VAL D 215 -35.56 -21.80 5.88
CA VAL D 215 -36.36 -20.98 5.03
C VAL D 215 -37.31 -21.91 4.34
N GLU D 216 -38.61 -21.88 4.71
CA GLU D 216 -39.61 -22.78 4.18
C GLU D 216 -40.34 -22.04 3.13
N VAL D 217 -40.97 -22.72 2.16
CA VAL D 217 -41.79 -22.04 1.18
C VAL D 217 -43.13 -21.96 1.83
N LEU D 218 -43.82 -20.80 1.76
CA LEU D 218 -45.10 -20.67 2.39
C LEU D 218 -46.16 -20.72 1.32
N ASN D 219 -45.94 -19.99 0.21
CA ASN D 219 -46.72 -20.00 -1.00
C ASN D 219 -45.70 -20.14 -2.06
N ARG D 220 -45.71 -21.20 -2.88
CA ARG D 220 -44.78 -21.41 -3.99
C ARG D 220 -44.49 -20.20 -4.86
N LEU D 221 -43.45 -20.30 -5.69
CA LEU D 221 -43.02 -19.23 -6.54
C LEU D 221 -43.74 -19.38 -7.83
N THR D 222 -44.52 -18.35 -8.22
CA THR D 222 -45.30 -18.38 -9.42
C THR D 222 -44.52 -17.68 -10.48
N TYR D 223 -44.84 -17.92 -11.76
CA TYR D 223 -44.10 -17.36 -12.86
C TYR D 223 -45.00 -17.45 -14.05
N ASN D 224 -44.64 -16.74 -15.14
CA ASN D 224 -45.32 -16.82 -16.40
C ASN D 224 -44.24 -17.05 -17.40
N SER D 225 -44.54 -16.97 -18.72
CA SER D 225 -43.62 -17.30 -19.77
C SER D 225 -42.53 -16.28 -19.93
N SER D 226 -42.71 -15.11 -19.31
CA SER D 226 -41.80 -14.01 -19.41
C SER D 226 -41.11 -13.81 -18.10
N SER D 227 -40.99 -14.84 -17.23
CA SER D 227 -40.22 -14.68 -16.02
C SER D 227 -39.64 -16.00 -15.60
N PRO D 228 -38.50 -16.04 -14.92
CA PRO D 228 -37.84 -17.26 -14.51
C PRO D 228 -38.67 -18.05 -13.53
N ASN D 229 -38.53 -19.38 -13.54
CA ASN D 229 -39.22 -20.27 -12.65
C ASN D 229 -38.30 -20.67 -11.53
N LYS D 230 -37.22 -19.91 -11.27
CA LYS D 230 -36.29 -20.25 -10.25
C LYS D 230 -35.48 -19.02 -10.03
N VAL D 231 -35.56 -18.46 -8.81
CA VAL D 231 -34.90 -17.25 -8.42
C VAL D 231 -33.83 -17.60 -7.43
N HIS D 232 -32.80 -16.73 -7.31
CA HIS D 232 -31.66 -16.93 -6.44
C HIS D 232 -31.82 -16.09 -5.21
N CYS D 233 -31.36 -16.61 -4.06
CA CYS D 233 -31.44 -15.94 -2.78
C CYS D 233 -30.07 -15.88 -2.20
N ILE D 234 -29.76 -14.84 -1.40
CA ILE D 234 -28.49 -14.63 -0.75
C ILE D 234 -28.79 -14.33 0.68
N VAL D 235 -28.30 -15.17 1.62
CA VAL D 235 -28.44 -14.97 3.04
C VAL D 235 -27.17 -14.28 3.46
N GLN D 236 -27.25 -13.20 4.25
CA GLN D 236 -26.09 -12.50 4.72
C GLN D 236 -26.50 -11.91 6.02
N GLY D 237 -25.63 -11.95 7.06
CA GLY D 237 -26.01 -11.43 8.35
C GLY D 237 -24.92 -10.60 8.94
N ARG D 238 -25.23 -9.95 10.07
CA ARG D 238 -24.31 -9.14 10.83
C ARG D 238 -24.82 -9.19 12.22
N LEU D 239 -24.16 -8.49 13.18
CA LEU D 239 -24.67 -8.36 14.52
C LEU D 239 -25.39 -7.06 14.64
N GLY D 240 -26.22 -6.90 15.70
CA GLY D 240 -27.05 -5.76 15.94
C GLY D 240 -26.28 -4.59 16.44
N ASP D 241 -27.00 -3.55 16.90
CA ASP D 241 -26.41 -2.33 17.40
C ASP D 241 -26.15 -2.42 18.88
N ASP D 242 -26.40 -3.61 19.47
CA ASP D 242 -26.16 -3.89 20.86
C ASP D 242 -25.07 -4.92 20.97
N ALA D 243 -24.40 -5.24 19.84
CA ALA D 243 -23.30 -6.17 19.76
C ALA D 243 -22.12 -5.77 20.57
N LYS D 244 -21.49 -6.75 21.25
CA LYS D 244 -20.29 -6.56 22.02
C LYS D 244 -19.46 -7.78 21.87
N PHE D 245 -18.13 -7.62 21.86
CA PHE D 245 -17.16 -8.67 21.84
C PHE D 245 -16.26 -8.44 23.00
N PHE D 246 -15.94 -9.50 23.76
CA PHE D 246 -15.19 -9.42 24.98
C PHE D 246 -14.04 -10.36 24.92
N CYS D 247 -13.01 -10.06 25.75
CA CYS D 247 -11.86 -10.87 26.04
C CYS D 247 -11.05 -11.40 24.89
N PRO D 248 -10.07 -10.67 24.37
CA PRO D 248 -9.20 -11.10 23.29
C PRO D 248 -8.48 -12.39 23.60
N THR D 249 -8.29 -13.27 22.61
CA THR D 249 -7.76 -14.59 22.79
C THR D 249 -7.11 -14.91 21.48
N GLY D 250 -6.34 -16.02 21.41
CA GLY D 250 -5.62 -16.43 20.23
C GLY D 250 -6.52 -16.91 19.14
N SER D 251 -5.99 -16.96 17.90
CA SER D 251 -6.70 -17.42 16.74
C SER D 251 -6.72 -18.91 16.69
N LEU D 252 -7.70 -19.46 15.96
CA LEU D 252 -7.86 -20.87 15.79
C LEU D 252 -7.48 -21.23 14.39
N VAL D 253 -7.40 -20.24 13.48
CA VAL D 253 -6.94 -20.43 12.13
C VAL D 253 -6.26 -19.15 11.76
N SER D 254 -5.21 -19.26 10.92
CA SER D 254 -4.48 -18.12 10.42
C SER D 254 -5.24 -17.67 9.21
N PHE D 255 -4.91 -16.49 8.67
CA PHE D 255 -5.58 -15.91 7.54
C PHE D 255 -4.53 -15.63 6.52
N GLN D 256 -4.92 -15.59 5.24
CA GLN D 256 -3.99 -15.43 4.15
C GLN D 256 -4.08 -14.02 3.57
N VAL E 2 47.41 2.40 -5.13
CA VAL E 2 46.26 1.52 -4.82
C VAL E 2 46.38 0.25 -5.60
N GLN E 3 46.37 -0.89 -4.89
CA GLN E 3 46.54 -2.18 -5.49
C GLN E 3 46.09 -3.20 -4.52
N LEU E 4 45.17 -4.08 -4.97
CA LEU E 4 44.62 -5.11 -4.14
C LEU E 4 45.24 -6.37 -4.67
N LEU E 5 45.58 -7.31 -3.77
CA LEU E 5 46.19 -8.56 -4.16
C LEU E 5 45.60 -9.64 -3.32
N GLU E 6 44.65 -10.39 -3.91
CA GLU E 6 44.06 -11.55 -3.32
C GLU E 6 45.00 -12.72 -3.38
N SER E 7 44.79 -13.70 -2.47
CA SER E 7 45.62 -14.86 -2.36
C SER E 7 44.83 -15.83 -1.55
N GLY E 8 44.93 -17.14 -1.86
CA GLY E 8 44.28 -18.16 -1.06
C GLY E 8 43.47 -19.06 -1.92
N GLY E 9 43.48 -18.84 -3.26
CA GLY E 9 42.77 -19.67 -4.20
C GLY E 9 43.41 -21.02 -4.30
N GLY E 10 42.67 -22.03 -4.80
CA GLY E 10 43.25 -23.33 -4.93
C GLY E 10 42.21 -24.26 -5.45
N LEU E 11 42.37 -25.55 -5.09
CA LEU E 11 41.49 -26.61 -5.47
C LEU E 11 41.05 -27.23 -4.19
N VAL E 12 39.72 -27.43 -4.04
CA VAL E 12 39.13 -28.03 -2.87
C VAL E 12 38.11 -28.98 -3.40
N GLN E 13 37.74 -29.98 -2.57
CA GLN E 13 36.76 -30.98 -2.93
C GLN E 13 35.41 -30.41 -2.56
N PRO E 14 34.30 -30.81 -3.16
CA PRO E 14 32.97 -30.33 -2.83
C PRO E 14 32.65 -30.45 -1.36
N GLY E 15 32.12 -29.37 -0.76
CA GLY E 15 31.84 -29.28 0.65
C GLY E 15 33.09 -28.90 1.37
N GLY E 16 34.03 -28.22 0.67
CA GLY E 16 35.32 -27.82 1.21
C GLY E 16 35.17 -26.54 1.97
N SER E 17 36.29 -25.89 2.30
CA SER E 17 36.26 -24.70 3.10
C SER E 17 37.59 -24.01 3.04
N LEU E 18 37.83 -23.16 2.00
CA LEU E 18 39.05 -22.37 1.97
C LEU E 18 38.66 -20.96 2.27
N ARG E 19 39.66 -20.11 2.56
CA ARG E 19 39.44 -18.73 2.91
C ARG E 19 40.42 -17.88 2.17
N LEU E 20 39.89 -17.00 1.30
CA LEU E 20 40.67 -16.11 0.49
C LEU E 20 41.03 -14.93 1.35
N SER E 21 42.16 -14.28 1.02
CA SER E 21 42.67 -13.14 1.72
C SER E 21 42.83 -12.11 0.63
N CYS E 22 43.05 -10.84 1.00
CA CYS E 22 43.18 -9.79 0.04
C CYS E 22 43.89 -8.65 0.70
N ALA E 23 45.24 -8.76 0.85
CA ALA E 23 46.06 -7.71 1.41
C ALA E 23 46.00 -6.52 0.50
N ALA E 24 45.69 -5.34 1.06
CA ALA E 24 45.45 -4.14 0.31
C ALA E 24 46.41 -3.09 0.75
N SER E 25 46.84 -2.24 -0.20
CA SER E 25 47.76 -1.16 0.09
C SER E 25 47.45 -0.04 -0.86
N GLY E 26 48.01 1.15 -0.55
CA GLY E 26 47.96 2.32 -1.39
C GLY E 26 46.81 3.22 -1.10
N PHE E 27 46.09 2.97 0.02
CA PHE E 27 44.97 3.80 0.39
C PHE E 27 44.71 3.47 1.84
N THR E 28 43.92 4.33 2.53
CA THR E 28 43.53 4.11 3.90
C THR E 28 42.43 3.10 3.84
N PHE E 29 42.77 1.84 4.21
CA PHE E 29 41.93 0.70 4.03
C PHE E 29 40.61 0.78 4.75
N SER E 30 40.63 1.23 6.02
CA SER E 30 39.51 1.21 6.91
C SER E 30 38.42 2.21 6.61
N SER E 31 38.65 3.16 5.67
CA SER E 31 37.66 4.14 5.31
C SER E 31 36.90 3.77 4.07
N TYR E 32 37.02 2.52 3.56
CA TYR E 32 36.29 2.10 2.40
C TYR E 32 35.77 0.74 2.63
N ALA E 33 34.57 0.46 2.07
CA ALA E 33 33.96 -0.83 2.05
C ALA E 33 34.63 -1.64 0.98
N MET E 34 34.72 -2.96 1.17
CA MET E 34 35.33 -3.85 0.23
C MET E 34 34.31 -4.87 -0.08
N SER E 35 34.38 -5.48 -1.28
CA SER E 35 33.51 -6.53 -1.70
C SER E 35 34.32 -7.58 -2.38
N TRP E 36 33.70 -8.77 -2.56
CA TRP E 36 34.24 -9.91 -3.24
C TRP E 36 33.27 -10.24 -4.33
N VAL E 37 33.54 -9.84 -5.58
CA VAL E 37 32.73 -10.16 -6.73
C VAL E 37 33.47 -11.25 -7.47
N ARG E 38 32.79 -12.35 -7.86
CA ARG E 38 33.37 -13.50 -8.52
C ARG E 38 32.89 -13.54 -9.94
N GLN E 39 33.63 -14.25 -10.81
CA GLN E 39 33.36 -14.38 -12.21
C GLN E 39 33.52 -15.81 -12.59
N ALA E 40 32.41 -16.59 -12.69
CA ALA E 40 32.46 -17.99 -13.12
C ALA E 40 33.00 -18.06 -14.53
N PRO E 41 33.83 -19.04 -14.93
CA PRO E 41 34.47 -19.12 -16.25
C PRO E 41 33.65 -18.72 -17.45
N GLY E 42 34.10 -17.65 -18.15
CA GLY E 42 33.51 -17.15 -19.36
C GLY E 42 32.10 -16.63 -19.22
N LYS E 43 31.71 -16.09 -18.04
CA LYS E 43 30.36 -15.58 -17.91
C LYS E 43 30.29 -14.65 -16.73
N GLY E 44 29.29 -13.73 -16.79
CA GLY E 44 28.86 -12.79 -15.79
C GLY E 44 29.90 -12.13 -14.93
N LEU E 45 29.46 -11.72 -13.73
CA LEU E 45 30.21 -11.07 -12.69
C LEU E 45 29.22 -11.07 -11.56
N GLU E 46 29.08 -12.19 -10.80
CA GLU E 46 28.17 -12.23 -9.68
C GLU E 46 28.85 -11.59 -8.51
N TRP E 47 28.12 -10.77 -7.74
CA TRP E 47 28.62 -10.14 -6.55
C TRP E 47 28.34 -11.05 -5.40
N VAL E 48 29.38 -11.57 -4.73
CA VAL E 48 29.24 -12.48 -3.61
C VAL E 48 28.88 -11.69 -2.36
N SER E 49 29.75 -10.80 -1.82
CA SER E 49 29.44 -10.15 -0.56
C SER E 49 30.27 -8.92 -0.38
N ALA E 50 29.77 -7.96 0.42
CA ALA E 50 30.43 -6.70 0.71
C ALA E 50 30.47 -6.51 2.19
N ILE E 51 31.52 -5.83 2.69
CA ILE E 51 31.69 -5.49 4.08
C ILE E 51 31.96 -4.03 4.16
N SER E 52 31.30 -3.29 5.08
CA SER E 52 31.48 -1.86 5.23
C SER E 52 32.84 -1.54 5.80
N GLY E 53 33.23 -0.25 5.79
CA GLY E 53 34.55 0.22 6.17
C GLY E 53 34.98 -0.13 7.56
N GLY E 54 34.06 -0.06 8.55
CA GLY E 54 34.34 -0.39 9.92
C GLY E 54 34.28 -1.87 10.11
N GLY E 55 33.45 -2.56 9.30
CA GLY E 55 33.25 -3.98 9.36
C GLY E 55 32.03 -4.25 10.15
N ASP E 56 31.19 -3.20 10.34
CA ASP E 56 30.02 -3.23 11.16
C ASP E 56 28.79 -3.41 10.34
N SER E 57 28.90 -4.12 9.19
CA SER E 57 27.77 -4.35 8.34
C SER E 57 28.31 -5.21 7.24
N ARG E 58 27.69 -6.38 7.01
CA ARG E 58 28.09 -7.31 5.99
C ARG E 58 26.86 -7.69 5.25
N TYR E 59 26.96 -7.72 3.91
CA TYR E 59 25.87 -8.01 3.02
C TYR E 59 26.34 -9.15 2.20
N TYR E 60 25.42 -10.07 1.88
CA TYR E 60 25.69 -11.26 1.12
C TYR E 60 24.64 -11.34 0.07
N ALA E 61 25.01 -11.91 -1.10
CA ALA E 61 24.08 -12.22 -2.15
C ALA E 61 23.39 -13.48 -1.72
N ASP E 62 22.15 -13.70 -2.17
CA ASP E 62 21.31 -14.81 -1.78
C ASP E 62 21.93 -16.14 -2.07
N SER E 63 22.67 -16.25 -3.19
CA SER E 63 23.30 -17.45 -3.66
C SER E 63 24.31 -18.00 -2.69
N VAL E 64 25.12 -17.13 -2.04
CA VAL E 64 26.19 -17.54 -1.17
C VAL E 64 25.87 -17.26 0.27
N LYS E 65 24.66 -16.75 0.58
CA LYS E 65 24.25 -16.41 1.92
C LYS E 65 24.15 -17.63 2.80
N GLY E 66 24.64 -17.49 4.05
CA GLY E 66 24.62 -18.54 5.04
C GLY E 66 25.67 -19.59 4.79
N ARG E 67 26.75 -19.22 4.09
CA ARG E 67 27.82 -20.12 3.76
C ARG E 67 29.07 -19.33 3.90
N PHE E 68 29.19 -18.23 3.11
CA PHE E 68 30.36 -17.41 3.11
C PHE E 68 30.28 -16.43 4.25
N THR E 69 31.43 -15.86 4.64
CA THR E 69 31.54 -14.97 5.76
C THR E 69 32.68 -14.06 5.46
N ILE E 70 32.38 -12.83 4.98
CA ILE E 70 33.35 -11.83 4.67
C ILE E 70 33.71 -11.15 5.95
N SER E 71 35.02 -11.00 6.23
CA SER E 71 35.51 -10.38 7.43
C SER E 71 36.57 -9.46 6.96
N ARG E 72 37.20 -8.69 7.87
CA ARG E 72 38.26 -7.80 7.51
C ARG E 72 38.95 -7.49 8.79
N ASP E 73 40.26 -7.20 8.70
CA ASP E 73 41.09 -6.93 9.84
C ASP E 73 41.86 -5.71 9.48
N ASN E 74 41.23 -4.53 9.71
CA ASN E 74 41.73 -3.19 9.43
C ASN E 74 43.15 -2.91 9.83
N SER E 75 43.64 -3.55 10.93
CA SER E 75 44.98 -3.41 11.44
C SER E 75 46.06 -3.74 10.43
N LYS E 76 45.90 -4.86 9.70
CA LYS E 76 46.88 -5.35 8.76
C LYS E 76 46.35 -5.29 7.36
N ASN E 77 45.33 -4.44 7.12
CA ASN E 77 44.72 -4.16 5.84
C ASN E 77 44.43 -5.37 5.00
N THR E 78 43.70 -6.37 5.54
CA THR E 78 43.47 -7.61 4.82
C THR E 78 42.02 -7.91 4.95
N LEU E 79 41.39 -8.27 3.82
CA LEU E 79 40.00 -8.60 3.71
C LEU E 79 39.95 -10.08 3.54
N TYR E 80 39.00 -10.78 4.21
CA TYR E 80 38.92 -12.22 4.19
C TYR E 80 37.61 -12.64 3.63
N LEU E 81 37.52 -13.92 3.19
CA LEU E 81 36.34 -14.47 2.61
C LEU E 81 36.34 -15.90 3.00
N GLN E 82 35.91 -16.22 4.25
CA GLN E 82 35.81 -17.58 4.71
C GLN E 82 34.64 -18.23 4.02
N MET E 83 34.91 -19.15 3.07
CA MET E 83 33.88 -19.78 2.27
C MET E 83 33.78 -21.16 2.81
N ASN E 84 32.56 -21.59 3.15
CA ASN E 84 32.30 -22.91 3.68
C ASN E 84 31.36 -23.58 2.73
N SER E 85 31.31 -24.92 2.79
CA SER E 85 30.41 -25.80 2.06
C SER E 85 30.30 -25.51 0.59
N LEU E 86 31.45 -25.29 -0.09
CA LEU E 86 31.52 -24.97 -1.50
C LEU E 86 30.81 -25.95 -2.39
N GLY E 87 30.25 -25.45 -3.51
CA GLY E 87 29.57 -26.25 -4.50
C GLY E 87 30.39 -26.17 -5.74
N ALA E 88 29.85 -26.66 -6.88
CA ALA E 88 30.51 -26.58 -8.16
C ALA E 88 30.07 -25.33 -8.87
N GLU E 89 29.28 -24.49 -8.18
CA GLU E 89 28.81 -23.22 -8.65
C GLU E 89 29.70 -22.16 -8.06
N ASP E 90 30.71 -22.58 -7.27
CA ASP E 90 31.62 -21.69 -6.60
C ASP E 90 32.95 -21.79 -7.28
N THR E 91 32.97 -22.37 -8.51
CA THR E 91 34.15 -22.44 -9.33
C THR E 91 34.15 -21.16 -10.09
N ALA E 92 35.03 -20.22 -9.69
CA ALA E 92 35.05 -18.91 -10.26
C ALA E 92 36.34 -18.29 -9.88
N LEU E 93 36.66 -17.16 -10.55
CA LEU E 93 37.79 -16.33 -10.28
C LEU E 93 37.22 -15.33 -9.31
N TYR E 94 37.88 -15.08 -8.17
CA TYR E 94 37.35 -14.23 -7.13
C TYR E 94 38.15 -12.99 -7.08
N TYR E 95 37.54 -11.85 -7.44
CA TYR E 95 38.14 -10.54 -7.43
C TYR E 95 37.70 -9.87 -6.19
N CYS E 96 38.61 -9.06 -5.64
CA CYS E 96 38.44 -8.31 -4.43
C CYS E 96 38.35 -6.89 -4.88
N ALA E 97 37.12 -6.35 -5.03
CA ALA E 97 36.88 -4.99 -5.41
C ALA E 97 36.86 -4.05 -4.23
N LYS E 98 37.31 -2.79 -4.42
CA LYS E 98 37.20 -1.73 -3.45
C LYS E 98 36.07 -0.81 -3.85
N ARG E 99 35.23 -0.35 -2.90
CA ARG E 99 34.23 0.68 -3.04
C ARG E 99 34.75 2.05 -3.44
N LEU E 100 34.04 2.75 -4.36
CA LEU E 100 34.29 4.09 -4.85
C LEU E 100 34.22 5.13 -3.76
N GLY E 101 34.84 6.31 -3.99
CA GLY E 101 34.90 7.49 -3.16
C GLY E 101 33.57 8.09 -2.78
N ARG E 102 33.45 9.39 -3.03
CA ARG E 102 32.30 10.19 -2.71
C ARG E 102 31.07 9.80 -3.50
N VAL E 103 30.26 8.94 -2.92
CA VAL E 103 29.03 8.52 -3.52
C VAL E 103 28.34 7.90 -2.35
N ALA E 104 27.01 7.75 -2.42
CA ALA E 104 26.24 7.16 -1.37
C ALA E 104 25.76 5.81 -1.83
N GLU E 105 26.40 5.26 -2.88
CA GLU E 105 26.07 3.99 -3.45
C GLU E 105 27.34 3.23 -3.63
N TYR E 106 27.24 1.89 -3.81
CA TYR E 106 28.35 1.02 -4.02
C TYR E 106 28.61 0.92 -5.48
N TYR E 107 29.83 1.29 -5.90
CA TYR E 107 30.32 1.11 -7.23
C TYR E 107 31.73 0.72 -6.98
N PHE E 108 32.27 -0.22 -7.76
CA PHE E 108 33.58 -0.75 -7.54
C PHE E 108 34.58 0.05 -8.30
N ASP E 109 35.51 0.67 -7.56
CA ASP E 109 36.57 1.50 -8.01
C ASP E 109 37.68 0.70 -8.61
N TYR E 110 38.56 0.14 -7.75
CA TYR E 110 39.71 -0.63 -8.10
C TYR E 110 39.38 -2.06 -7.84
N TRP E 111 40.07 -2.98 -8.55
CA TRP E 111 39.81 -4.39 -8.47
C TRP E 111 41.14 -5.05 -8.39
N GLY E 112 41.16 -6.30 -7.89
CA GLY E 112 42.33 -7.13 -7.82
C GLY E 112 42.51 -7.82 -9.14
N GLN E 113 43.40 -8.84 -9.21
CA GLN E 113 43.63 -9.59 -10.42
C GLN E 113 42.94 -10.93 -10.34
N GLY E 114 42.32 -11.23 -9.18
CA GLY E 114 41.57 -12.42 -8.92
C GLY E 114 42.40 -13.61 -8.54
N THR E 115 41.76 -14.58 -7.85
CA THR E 115 42.32 -15.83 -7.45
C THR E 115 41.31 -16.88 -7.78
N LEU E 116 41.69 -17.86 -8.63
CA LEU E 116 40.83 -18.93 -9.04
C LEU E 116 40.53 -19.84 -7.88
N VAL E 117 39.32 -20.41 -7.86
CA VAL E 117 38.87 -21.35 -6.88
C VAL E 117 38.22 -22.35 -7.76
N THR E 118 38.63 -23.63 -7.63
CA THR E 118 38.14 -24.72 -8.43
C THR E 118 37.61 -25.67 -7.42
N VAL E 119 36.40 -26.22 -7.66
CA VAL E 119 35.76 -27.11 -6.73
C VAL E 119 35.45 -28.39 -7.50
N ILE F 2 15.52 -8.90 -7.64
CA ILE F 2 15.40 -8.30 -9.00
C ILE F 2 16.54 -8.69 -9.87
N GLN F 3 16.33 -8.55 -11.20
CA GLN F 3 17.34 -8.88 -12.15
C GLN F 3 17.14 -7.93 -13.29
N MET F 4 18.27 -7.43 -13.81
CA MET F 4 18.33 -6.51 -14.91
C MET F 4 18.97 -7.23 -16.04
N THR F 5 18.38 -7.06 -17.24
CA THR F 5 18.79 -7.73 -18.43
C THR F 5 19.33 -6.67 -19.33
N GLN F 6 20.44 -6.95 -20.05
CA GLN F 6 20.96 -6.03 -21.02
C GLN F 6 20.26 -6.37 -22.31
N SER F 7 20.40 -5.53 -23.36
CA SER F 7 19.65 -5.73 -24.57
C SER F 7 20.49 -6.43 -25.59
N PRO F 8 21.59 -5.94 -26.17
CA PRO F 8 22.39 -6.76 -27.05
C PRO F 8 23.33 -7.54 -26.17
N SER F 9 23.66 -8.79 -26.54
CA SER F 9 24.57 -9.59 -25.76
C SER F 9 25.86 -9.65 -26.52
N THR F 10 25.80 -9.35 -27.84
CA THR F 10 26.94 -9.27 -28.68
C THR F 10 26.67 -8.14 -29.63
N LEU F 11 27.60 -7.18 -29.74
CA LEU F 11 27.53 -6.14 -30.73
C LEU F 11 28.76 -6.34 -31.54
N SER F 12 28.65 -6.04 -32.85
CA SER F 12 29.75 -6.14 -33.75
C SER F 12 29.68 -4.85 -34.50
N ALA F 13 30.78 -4.06 -34.48
CA ALA F 13 30.77 -2.79 -35.15
C ALA F 13 32.18 -2.41 -35.49
N SER F 14 32.31 -1.54 -36.51
CA SER F 14 33.56 -1.07 -37.04
C SER F 14 34.08 0.06 -36.21
N VAL F 15 35.40 0.30 -36.31
CA VAL F 15 36.10 1.35 -35.59
C VAL F 15 35.66 2.70 -36.10
N GLY F 16 34.83 3.41 -35.30
CA GLY F 16 34.36 4.73 -35.60
C GLY F 16 32.88 4.80 -35.50
N ASP F 17 32.20 3.70 -35.12
CA ASP F 17 30.76 3.62 -35.06
C ASP F 17 30.27 3.98 -33.69
N ARG F 18 29.00 4.35 -33.61
CA ARG F 18 28.39 4.67 -32.33
C ARG F 18 27.58 3.44 -31.91
N VAL F 19 28.00 2.82 -30.83
CA VAL F 19 27.38 1.64 -30.31
C VAL F 19 26.62 2.05 -29.09
N THR F 20 25.53 1.32 -28.78
CA THR F 20 24.70 1.57 -27.64
C THR F 20 24.39 0.24 -27.01
N ILE F 21 24.74 0.11 -25.72
CA ILE F 21 24.45 -1.04 -24.91
C ILE F 21 23.38 -0.52 -23.99
N THR F 22 22.26 -1.25 -23.79
CA THR F 22 21.21 -0.79 -22.92
C THR F 22 21.16 -1.77 -21.78
N CYS F 23 20.74 -1.30 -20.59
CA CYS F 23 20.57 -2.10 -19.41
C CYS F 23 19.19 -1.73 -18.94
N ARG F 24 18.33 -2.70 -18.59
CA ARG F 24 16.98 -2.42 -18.14
C ARG F 24 16.61 -3.17 -16.89
N THR F 25 16.37 -2.44 -15.78
CA THR F 25 16.11 -3.03 -14.48
C THR F 25 14.63 -3.22 -14.32
N SER F 26 14.23 -4.18 -13.46
CA SER F 26 12.86 -4.51 -13.15
C SER F 26 12.10 -3.41 -12.48
N GLN F 27 12.72 -2.75 -11.48
CA GLN F 27 12.11 -1.66 -10.76
C GLN F 27 13.12 -0.57 -10.74
N SER F 28 12.63 0.66 -10.47
CA SER F 28 13.41 1.86 -10.50
C SER F 28 14.54 1.85 -9.49
N ILE F 29 15.71 2.32 -9.94
CA ILE F 29 16.85 2.65 -9.15
C ILE F 29 17.12 4.03 -9.66
N SER F 30 17.26 5.00 -8.75
CA SER F 30 17.30 6.39 -9.14
C SER F 30 18.65 6.88 -9.54
N ASN F 31 19.12 6.45 -10.72
CA ASN F 31 20.39 6.76 -11.34
C ASN F 31 21.54 5.99 -10.74
N TRP F 32 21.26 4.89 -10.02
CA TRP F 32 22.26 4.16 -9.29
C TRP F 32 22.78 3.00 -10.07
N LEU F 33 23.37 3.25 -11.25
CA LEU F 33 23.88 2.25 -12.15
C LEU F 33 25.33 2.58 -12.32
N ALA F 34 26.14 1.65 -12.88
CA ALA F 34 27.51 1.89 -13.18
C ALA F 34 27.94 0.90 -14.20
N TRP F 35 28.83 1.32 -15.12
CA TRP F 35 29.28 0.58 -16.26
C TRP F 35 30.72 0.23 -16.13
N TYR F 36 31.06 -1.01 -16.53
CA TYR F 36 32.38 -1.59 -16.47
C TYR F 36 32.80 -1.97 -17.84
N GLN F 37 34.13 -1.95 -18.06
CA GLN F 37 34.75 -2.42 -19.27
C GLN F 37 35.64 -3.51 -18.77
N GLN F 38 35.65 -4.68 -19.43
CA GLN F 38 36.52 -5.74 -19.03
C GLN F 38 37.09 -6.34 -20.27
N LYS F 39 38.40 -6.13 -20.47
CA LYS F 39 39.17 -6.75 -21.52
C LYS F 39 39.36 -8.19 -21.14
N PRO F 40 39.37 -9.17 -22.05
CA PRO F 40 39.53 -10.58 -21.71
C PRO F 40 40.85 -10.84 -21.02
N GLY F 41 40.80 -11.52 -19.86
CA GLY F 41 41.97 -11.89 -19.08
C GLY F 41 42.46 -10.76 -18.22
N LYS F 42 41.58 -9.78 -17.90
CA LYS F 42 41.94 -8.65 -17.10
C LYS F 42 40.77 -8.37 -16.22
N ALA F 43 40.99 -7.58 -15.16
CA ALA F 43 39.98 -7.25 -14.18
C ALA F 43 39.17 -6.08 -14.67
N PRO F 44 37.90 -5.93 -14.30
CA PRO F 44 37.03 -4.86 -14.78
C PRO F 44 37.54 -3.48 -14.43
N LYS F 45 37.18 -2.46 -15.22
CA LYS F 45 37.56 -1.09 -15.00
C LYS F 45 36.28 -0.33 -14.97
N LEU F 46 36.13 0.58 -13.98
CA LEU F 46 34.99 1.44 -13.84
C LEU F 46 35.01 2.52 -14.88
N LEU F 47 33.91 2.66 -15.65
CA LEU F 47 33.78 3.67 -16.68
C LEU F 47 32.94 4.79 -16.16
N ILE F 48 31.63 4.53 -16.02
CA ILE F 48 30.60 5.48 -15.77
C ILE F 48 29.96 5.10 -14.48
N TYR F 49 30.14 5.86 -13.37
CA TYR F 49 29.37 5.59 -12.17
C TYR F 49 28.20 6.54 -12.18
N GLN F 50 27.20 6.34 -11.29
CA GLN F 50 25.97 7.10 -11.17
C GLN F 50 25.26 7.39 -12.45
N ALA F 51 25.20 6.37 -13.34
CA ALA F 51 24.47 6.36 -14.58
C ALA F 51 24.99 7.27 -15.66
N SER F 52 25.86 8.26 -15.38
CA SER F 52 26.30 9.16 -16.42
C SER F 52 27.56 9.89 -16.08
N THR F 53 28.00 9.91 -14.80
CA THR F 53 29.25 10.54 -14.39
C THR F 53 30.39 9.72 -14.94
N LEU F 54 31.56 10.32 -15.24
CA LEU F 54 32.69 9.62 -15.80
C LEU F 54 33.73 9.53 -14.74
N GLU F 55 34.31 8.34 -14.56
CA GLU F 55 35.41 8.07 -13.67
C GLU F 55 36.63 8.71 -14.28
N ASN F 56 37.59 9.18 -13.46
CA ASN F 56 38.77 9.87 -13.94
C ASN F 56 39.62 8.98 -14.80
N GLY F 57 40.12 9.55 -15.92
CA GLY F 57 40.98 8.86 -16.85
C GLY F 57 40.23 7.93 -17.74
N VAL F 58 38.94 8.24 -18.03
CA VAL F 58 38.11 7.46 -18.89
C VAL F 58 37.83 8.38 -20.05
N PRO F 59 38.00 7.98 -21.31
CA PRO F 59 37.75 8.80 -22.49
C PRO F 59 36.36 9.38 -22.55
N SER F 60 36.17 10.43 -23.36
CA SER F 60 34.92 11.14 -23.44
C SER F 60 34.04 10.53 -24.49
N ARG F 61 34.48 9.40 -25.11
CA ARG F 61 33.70 8.60 -26.01
C ARG F 61 32.53 8.04 -25.28
N PHE F 62 32.80 7.47 -24.07
CA PHE F 62 31.84 6.90 -23.18
C PHE F 62 30.96 7.97 -22.62
N THR F 63 29.64 7.72 -22.59
CA THR F 63 28.66 8.66 -22.10
C THR F 63 27.48 7.83 -21.71
N GLY F 64 27.23 7.65 -20.40
CA GLY F 64 26.07 6.91 -19.96
C GLY F 64 24.93 7.86 -19.85
N SER F 65 23.69 7.36 -19.91
CA SER F 65 22.50 8.15 -19.79
C SER F 65 21.47 7.27 -19.17
N GLY F 66 20.24 7.80 -19.00
CA GLY F 66 19.10 7.09 -18.51
C GLY F 66 19.04 7.09 -17.02
N SER F 67 17.82 6.85 -16.50
CA SER F 67 17.52 6.82 -15.10
C SER F 67 16.30 5.98 -14.99
N GLY F 68 16.04 5.45 -13.78
CA GLY F 68 14.89 4.64 -13.51
C GLY F 68 15.15 3.21 -13.88
N THR F 69 14.58 2.77 -15.03
CA THR F 69 14.63 1.40 -15.46
C THR F 69 15.23 1.26 -16.84
N GLU F 70 15.86 2.30 -17.42
CA GLU F 70 16.39 2.16 -18.76
C GLU F 70 17.61 3.01 -18.89
N PHE F 71 18.79 2.38 -18.68
CA PHE F 71 20.09 3.00 -18.75
C PHE F 71 20.72 2.58 -20.03
N SER F 72 21.63 3.42 -20.59
CA SER F 72 22.32 3.06 -21.80
C SER F 72 23.68 3.70 -21.83
N LEU F 73 24.71 2.90 -22.19
CA LEU F 73 26.07 3.36 -22.37
C LEU F 73 26.21 3.56 -23.84
N THR F 74 26.87 4.65 -24.25
CA THR F 74 27.04 4.99 -25.64
C THR F 74 28.49 5.28 -25.82
N ILE F 75 29.14 4.66 -26.82
CA ILE F 75 30.50 4.97 -27.17
C ILE F 75 30.30 5.70 -28.47
N SER F 76 30.71 6.98 -28.55
CA SER F 76 30.48 7.83 -29.69
C SER F 76 31.20 7.36 -30.93
N SER F 77 32.47 6.95 -30.78
CA SER F 77 33.22 6.41 -31.86
C SER F 77 34.12 5.38 -31.26
N LEU F 78 34.05 4.14 -31.78
CA LEU F 78 34.89 3.06 -31.35
C LEU F 78 36.31 3.33 -31.73
N GLN F 79 37.24 2.83 -30.91
CA GLN F 79 38.66 2.91 -31.09
C GLN F 79 39.10 1.50 -30.86
N PRO F 80 40.31 1.08 -31.20
CA PRO F 80 40.71 -0.31 -31.04
C PRO F 80 41.28 -0.49 -29.67
N ASP F 81 40.36 -0.64 -28.68
CA ASP F 81 40.58 -0.81 -27.28
C ASP F 81 39.25 -0.52 -26.63
N ASP F 82 38.17 -0.54 -27.43
CA ASP F 82 36.81 -0.42 -26.97
C ASP F 82 36.12 -1.69 -27.33
N PHE F 83 36.88 -2.76 -27.57
CA PHE F 83 36.37 -4.07 -27.85
C PHE F 83 36.65 -4.81 -26.59
N ALA F 84 35.57 -5.03 -25.81
CA ALA F 84 35.63 -5.56 -24.48
C ALA F 84 34.23 -5.98 -24.17
N THR F 85 33.97 -6.42 -22.92
CA THR F 85 32.65 -6.82 -22.50
C THR F 85 32.24 -5.76 -21.53
N TYR F 86 30.95 -5.34 -21.58
CA TYR F 86 30.46 -4.25 -20.78
C TYR F 86 29.34 -4.72 -19.92
N TYR F 87 29.54 -4.63 -18.58
CA TYR F 87 28.60 -5.03 -17.58
C TYR F 87 28.02 -3.81 -16.94
N CYS F 88 26.74 -3.86 -16.51
CA CYS F 88 26.10 -2.80 -15.79
C CYS F 88 25.80 -3.26 -14.38
N GLN F 89 26.61 -2.90 -13.36
CA GLN F 89 26.30 -3.22 -11.97
C GLN F 89 25.32 -2.19 -11.48
N GLN F 90 24.43 -2.55 -10.54
CA GLN F 90 23.43 -1.64 -10.02
C GLN F 90 23.54 -1.68 -8.53
N TYR F 91 22.97 -0.64 -7.91
CA TYR F 91 22.86 -0.48 -6.50
C TYR F 91 21.41 -0.22 -6.30
N ASN F 92 20.85 -0.77 -5.21
CA ASN F 92 19.46 -0.62 -4.90
C ASN F 92 19.43 -0.60 -3.41
N ASN F 93 18.26 -0.28 -2.83
CA ASN F 93 18.02 -0.14 -1.43
C ASN F 93 18.36 -1.37 -0.65
N TYR F 94 18.05 -2.55 -1.22
CA TYR F 94 18.19 -3.83 -0.56
C TYR F 94 19.61 -4.28 -0.39
N MET F 95 20.56 -3.66 -1.13
CA MET F 95 21.96 -4.04 -1.15
C MET F 95 22.12 -5.37 -1.81
N ALA F 96 21.35 -5.57 -2.89
CA ALA F 96 21.38 -6.75 -3.69
C ALA F 96 22.02 -6.35 -4.97
N LEU F 97 23.33 -6.00 -4.89
CA LEU F 97 24.12 -5.59 -6.03
C LEU F 97 24.22 -6.71 -7.01
N THR F 98 23.94 -6.43 -8.29
CA THR F 98 23.91 -7.42 -9.32
C THR F 98 24.53 -6.76 -10.49
N PHE F 99 24.92 -7.55 -11.53
CA PHE F 99 25.55 -7.08 -12.73
C PHE F 99 24.75 -7.65 -13.84
N GLY F 100 24.88 -7.03 -15.05
CA GLY F 100 24.25 -7.48 -16.26
C GLY F 100 24.89 -8.75 -16.74
N GLY F 101 24.44 -9.26 -17.91
CA GLY F 101 24.95 -10.47 -18.50
C GLY F 101 26.27 -10.23 -19.18
N GLY F 102 26.53 -8.98 -19.58
CA GLY F 102 27.70 -8.56 -20.28
C GLY F 102 27.31 -8.40 -21.70
N THR F 103 28.02 -7.51 -22.42
CA THR F 103 27.77 -7.27 -23.81
C THR F 103 29.11 -7.20 -24.46
N LYS F 104 29.52 -8.30 -25.13
CA LYS F 104 30.72 -8.38 -25.91
C LYS F 104 30.62 -7.46 -27.08
N VAL F 105 31.56 -6.50 -27.23
CA VAL F 105 31.63 -5.59 -28.35
C VAL F 105 32.83 -6.08 -29.07
N GLU F 106 32.68 -6.47 -30.35
CA GLU F 106 33.77 -7.07 -31.09
C GLU F 106 33.84 -6.47 -32.45
N ILE F 107 34.94 -6.79 -33.17
CA ILE F 107 35.29 -6.29 -34.48
C ILE F 107 34.31 -6.79 -35.49
N LYS F 108 33.91 -5.91 -36.44
CA LYS F 108 33.06 -6.26 -37.54
C LYS F 108 34.00 -6.35 -38.69
N ARG F 109 34.21 -7.58 -39.18
CA ARG F 109 35.15 -7.88 -40.23
C ARG F 109 34.34 -8.02 -41.53
#